data_3MDY
#
_entry.id   3MDY
#
_cell.length_a   65.410
_cell.length_b   80.010
_cell.length_c   183.330
_cell.angle_alpha   90.00
_cell.angle_beta   90.00
_cell.angle_gamma   90.00
#
_symmetry.space_group_name_H-M   'P 21 21 21'
#
loop_
_entity.id
_entity.type
_entity.pdbx_description
1 polymer 'Bone morphogenetic protein receptor type-1B'
2 polymer 'Peptidyl-prolyl cis-trans isomerase FKBP1A'
3 non-polymer 4-[6-(4-piperazin-1-ylphenyl)pyrazolo[1,5-a]pyrimidin-3-yl]quinoline
4 water water
#
loop_
_entity_poly.entity_id
_entity_poly.type
_entity_poly.pdbx_seq_one_letter_code
_entity_poly.pdbx_strand_id
1 'polypeptide(L)'
;SMTYIPPGESLRDLIEQSQSSGSGSGLPLLVQRTIAKQIQMVKQIGKGRYGEVWMGKWRGEKVAVKVFFTTEEASWFRET
EIYQTVLMRHENILGFIAADIKGTGSWTQLYLITDYHENGSLYDYLKSTTLDAKSMLKLAYSSVSGLCHLHTEIFSTQGK
PAIAHRDLKSKNILVKKNGTCCIADLGLAVKFISDTNEVDIPPNTRVGTKRYMPPEVLDESLNRNHFQSYIMADMYSFGL
ILWEVARRCVSGGIVEEYQLPYHDLVPSDPSYEDMREIVCIKKLRPSFPNRWSSDECLRQMGKLMTECWAHNPASRLTAL
RVKKTLAKMSESQDIKL
;
A,C
2 'polypeptide(L)'
;SMGVQVETISPGDGRTFPKRGQTCVVHYTGMLEDGKKFDSSRDRNKPFKFMLGKQEVIRGWEEGVAQMSVGQRAKLTISP
DYAYGATGHPGIIPPHATLVFDVELLKLE
;
B,D
#
loop_
_chem_comp.id
_chem_comp.type
_chem_comp.name
_chem_comp.formula
LDN non-polymer 4-[6-(4-piperazin-1-ylphenyl)pyrazolo[1,5-a]pyrimidin-3-yl]quinoline 'C25 H22 N6'
#
# COMPACT_ATOMS: atom_id res chain seq x y z
N GLU A 9 8.46 17.37 -21.24
CA GLU A 9 7.81 17.64 -19.92
C GLU A 9 6.47 18.37 -20.05
N SER A 10 6.26 19.06 -21.17
CA SER A 10 5.03 19.84 -21.39
C SER A 10 3.76 18.97 -21.41
N LEU A 11 3.05 18.91 -20.27
CA LEU A 11 1.93 17.98 -20.02
C LEU A 11 0.93 17.85 -21.14
N ARG A 12 0.55 18.99 -21.68
CA ARG A 12 -0.36 19.00 -22.83
C ARG A 12 0.29 18.21 -23.98
N ASP A 13 1.55 18.52 -24.27
CA ASP A 13 2.26 17.87 -25.36
C ASP A 13 2.44 16.37 -25.09
N LEU A 14 2.70 16.01 -23.83
CA LEU A 14 2.79 14.60 -23.42
C LEU A 14 1.48 13.88 -23.67
N ILE A 15 0.39 14.55 -23.30
CA ILE A 15 -0.95 14.01 -23.53
C ILE A 15 -1.28 13.94 -25.04
N GLU A 16 -0.93 14.98 -25.77
CA GLU A 16 -1.12 14.96 -27.23
C GLU A 16 -0.31 13.89 -27.94
N GLN A 17 0.95 13.73 -27.55
CA GLN A 17 1.82 12.69 -28.11
C GLN A 17 1.22 11.28 -27.95
N SER A 18 0.65 11.02 -26.79
CA SER A 18 0.19 9.68 -26.44
C SER A 18 -1.19 9.35 -26.97
N GLN A 19 -2.03 10.37 -27.07
CA GLN A 19 -3.37 10.18 -27.61
C GLN A 19 -3.41 10.12 -29.16
N SER A 20 -2.35 10.63 -29.81
CA SER A 20 -2.14 10.45 -31.27
C SER A 20 -1.92 8.98 -31.60
N SER A 21 -1.17 8.30 -30.74
CA SER A 21 -0.97 6.85 -30.83
C SER A 21 -2.34 6.19 -30.78
N GLY A 22 -2.96 6.17 -29.60
CA GLY A 22 -4.35 5.81 -29.56
C GLY A 22 -4.91 5.18 -28.32
N SER A 23 -6.23 4.99 -28.40
CA SER A 23 -7.08 4.27 -27.43
C SER A 23 -7.45 5.09 -26.18
N GLY A 24 -6.44 5.37 -25.33
CA GLY A 24 -6.71 5.92 -24.01
C GLY A 24 -6.59 7.43 -23.94
N SER A 25 -7.60 8.06 -23.34
CA SER A 25 -7.53 9.47 -22.96
C SER A 25 -6.54 9.51 -21.79
N GLY A 26 -5.76 10.57 -21.72
CA GLY A 26 -4.80 10.71 -20.68
C GLY A 26 -3.42 10.24 -21.07
N LEU A 27 -2.55 10.09 -20.08
CA LEU A 27 -1.17 9.67 -20.32
C LEU A 27 -1.11 8.16 -20.52
N PRO A 28 -0.04 7.65 -21.17
CA PRO A 28 0.13 6.19 -21.21
C PRO A 28 0.27 5.62 -19.82
N LEU A 29 -0.19 4.39 -19.64
CA LEU A 29 -0.20 3.74 -18.35
C LEU A 29 1.07 3.91 -17.55
N LEU A 30 2.17 3.45 -18.10
CA LEU A 30 3.43 3.46 -17.37
C LEU A 30 3.80 4.87 -16.92
N VAL A 31 3.44 5.88 -17.70
CA VAL A 31 3.65 7.27 -17.28
C VAL A 31 2.68 7.68 -16.16
N GLN A 32 1.41 7.28 -16.29
CA GLN A 32 0.40 7.55 -15.27
C GLN A 32 0.90 7.11 -13.89
N ARG A 33 1.48 5.92 -13.84
CA ARG A 33 1.87 5.32 -12.57
C ARG A 33 3.23 5.77 -12.01
N THR A 34 3.73 6.89 -12.53
CA THR A 34 4.92 7.58 -11.97
C THR A 34 4.48 8.79 -11.18
N ILE A 35 3.21 9.16 -11.30
CA ILE A 35 2.78 10.51 -10.93
C ILE A 35 2.52 10.71 -9.44
N ALA A 36 1.84 9.76 -8.81
CA ALA A 36 1.46 9.96 -7.40
C ALA A 36 2.65 10.27 -6.50
N LYS A 37 3.76 9.59 -6.72
CA LYS A 37 4.96 9.78 -5.93
C LYS A 37 5.66 11.10 -6.24
N GLN A 38 5.44 11.66 -7.43
CA GLN A 38 6.11 12.92 -7.85
C GLN A 38 5.31 14.21 -7.64
N ILE A 39 3.99 14.11 -7.53
CA ILE A 39 3.17 15.30 -7.34
C ILE A 39 3.40 15.98 -5.99
N GLN A 40 3.50 17.30 -6.04
CA GLN A 40 3.51 18.13 -4.85
C GLN A 40 2.06 18.50 -4.59
N MET A 41 1.46 18.04 -3.49
CA MET A 41 0.09 18.41 -3.13
C MET A 41 0.16 19.77 -2.44
N VAL A 42 -0.54 20.77 -2.96
CA VAL A 42 -0.42 22.16 -2.49
C VAL A 42 -1.51 22.55 -1.52
N LYS A 43 -2.77 22.37 -1.92
CA LYS A 43 -3.91 22.72 -1.05
C LYS A 43 -5.20 22.15 -1.57
N GLN A 44 -6.16 21.99 -0.67
CA GLN A 44 -7.47 21.50 -1.04
C GLN A 44 -8.14 22.67 -1.75
N ILE A 45 -8.84 22.38 -2.85
CA ILE A 45 -9.47 23.43 -3.66
C ILE A 45 -10.97 23.25 -3.77
N GLY A 46 -11.44 22.07 -3.42
CA GLY A 46 -12.86 21.82 -3.48
C GLY A 46 -13.20 20.41 -3.09
N LYS A 47 -14.41 20.03 -3.49
CA LYS A 47 -15.02 18.74 -3.18
C LYS A 47 -15.51 18.07 -4.45
N GLY A 48 -15.47 16.73 -4.41
CA GLY A 48 -16.01 15.89 -5.48
C GLY A 48 -16.80 14.82 -4.78
N ARG A 49 -17.67 14.12 -5.50
CA ARG A 49 -18.45 13.03 -4.92
C ARG A 49 -17.46 11.94 -4.47
N TYR A 50 -17.47 11.57 -3.16
CA TYR A 50 -16.58 10.52 -2.61
C TYR A 50 -15.10 10.84 -2.51
N GLY A 51 -14.72 12.11 -2.70
CA GLY A 51 -13.33 12.52 -2.49
C GLY A 51 -13.07 14.02 -2.55
N GLU A 52 -12.08 14.46 -1.82
CA GLU A 52 -11.63 15.83 -1.89
C GLU A 52 -10.88 16.07 -3.18
N VAL A 53 -10.89 17.33 -3.62
CA VAL A 53 -10.16 17.76 -4.78
C VAL A 53 -9.06 18.73 -4.34
N TRP A 54 -7.82 18.47 -4.76
CA TRP A 54 -6.64 19.28 -4.38
C TRP A 54 -6.03 19.86 -5.64
N MET A 55 -5.29 20.97 -5.48
CA MET A 55 -4.35 21.41 -6.51
C MET A 55 -3.01 20.81 -6.18
N GLY A 56 -2.38 20.18 -7.19
CA GLY A 56 -1.01 19.67 -7.03
C GLY A 56 -0.14 20.26 -8.11
N LYS A 57 1.17 20.10 -7.98
CA LYS A 57 2.10 20.57 -9.01
C LYS A 57 2.92 19.38 -9.51
N TRP A 58 2.98 19.18 -10.81
CA TRP A 58 3.75 18.07 -11.34
C TRP A 58 4.57 18.57 -12.46
N ARG A 59 5.88 18.40 -12.34
CA ARG A 59 6.81 19.01 -13.28
C ARG A 59 6.51 20.53 -13.40
N GLY A 60 6.29 21.18 -12.26
CA GLY A 60 6.05 22.63 -12.23
C GLY A 60 4.68 23.16 -12.70
N GLU A 61 3.82 22.27 -13.16
CA GLU A 61 2.52 22.59 -13.71
C GLU A 61 1.41 22.27 -12.71
N LYS A 62 0.46 23.18 -12.55
CA LYS A 62 -0.73 22.91 -11.74
C LYS A 62 -1.63 21.87 -12.38
N VAL A 63 -2.08 20.87 -11.58
CA VAL A 63 -3.09 19.88 -11.99
C VAL A 63 -4.04 19.75 -10.82
N ALA A 64 -5.20 19.16 -11.05
CA ALA A 64 -6.16 18.89 -9.99
C ALA A 64 -6.09 17.40 -9.67
N VAL A 65 -6.25 17.10 -8.39
CA VAL A 65 -6.19 15.73 -7.96
C VAL A 65 -7.38 15.46 -7.07
N LYS A 66 -8.27 14.59 -7.54
CA LYS A 66 -9.34 14.06 -6.73
C LYS A 66 -8.80 12.87 -5.98
N VAL A 67 -8.87 12.92 -4.65
CA VAL A 67 -8.23 11.92 -3.75
C VAL A 67 -9.31 11.04 -3.11
N PHE A 68 -9.22 9.72 -3.28
CA PHE A 68 -10.17 8.80 -2.70
C PHE A 68 -9.41 7.99 -1.67
N PHE A 69 -10.10 7.57 -0.59
CA PHE A 69 -9.59 6.51 0.25
C PHE A 69 -10.09 5.20 -0.32
N THR A 70 -9.48 4.13 0.15
CA THR A 70 -9.70 2.76 -0.39
C THR A 70 -11.10 2.21 -0.11
N THR A 71 -11.75 2.73 0.93
CA THR A 71 -13.16 2.47 1.11
C THR A 71 -14.02 2.95 -0.10
N GLU A 72 -13.58 3.99 -0.80
CA GLU A 72 -14.28 4.45 -2.00
C GLU A 72 -13.55 4.03 -3.29
N GLU A 73 -12.85 2.89 -3.23
CA GLU A 73 -12.12 2.36 -4.39
C GLU A 73 -13.03 2.17 -5.62
N ALA A 74 -14.21 1.60 -5.40
CA ALA A 74 -15.11 1.28 -6.48
C ALA A 74 -15.44 2.54 -7.25
N SER A 75 -15.59 3.64 -6.54
CA SER A 75 -15.89 4.93 -7.18
C SER A 75 -14.72 5.50 -7.99
N TRP A 76 -13.51 5.37 -7.46
CA TRP A 76 -12.29 5.70 -8.21
C TRP A 76 -12.25 4.88 -9.47
N PHE A 77 -12.50 3.58 -9.33
CA PHE A 77 -12.55 2.72 -10.50
C PHE A 77 -13.53 3.23 -11.54
N ARG A 78 -14.79 3.40 -11.12
CA ARG A 78 -15.86 3.77 -12.02
C ARG A 78 -15.55 5.08 -12.71
N GLU A 79 -15.10 6.06 -11.92
CA GLU A 79 -14.91 7.37 -12.48
C GLU A 79 -13.73 7.39 -13.48
N THR A 80 -12.64 6.74 -13.10
CA THR A 80 -11.48 6.66 -13.97
C THR A 80 -11.78 5.93 -15.27
N GLU A 81 -12.57 4.84 -15.20
CA GLU A 81 -12.95 4.09 -16.41
C GLU A 81 -13.72 4.96 -17.37
N ILE A 82 -14.69 5.70 -16.85
CA ILE A 82 -15.46 6.65 -17.63
C ILE A 82 -14.51 7.66 -18.33
N TYR A 83 -13.69 8.35 -17.56
CA TYR A 83 -12.76 9.33 -18.13
C TYR A 83 -11.85 8.72 -19.21
N GLN A 84 -11.44 7.47 -19.01
CA GLN A 84 -10.63 6.75 -20.01
C GLN A 84 -11.39 6.15 -21.20
N THR A 85 -12.73 6.25 -21.21
CA THR A 85 -13.58 5.80 -22.34
C THR A 85 -13.07 6.39 -23.67
N VAL A 86 -13.23 5.61 -24.73
CA VAL A 86 -12.82 6.02 -26.07
C VAL A 86 -13.77 7.10 -26.63
N LEU A 87 -13.17 8.16 -27.20
CA LEU A 87 -13.93 9.21 -27.86
C LEU A 87 -14.65 10.02 -26.81
N MET A 88 -14.20 9.91 -25.56
CA MET A 88 -14.83 10.60 -24.47
C MET A 88 -14.26 12.02 -24.48
N ARG A 89 -12.95 12.14 -24.76
CA ARG A 89 -12.23 13.43 -24.73
C ARG A 89 -12.87 14.58 -25.56
N HIS A 90 -13.00 15.77 -24.96
CA HIS A 90 -13.88 16.80 -25.53
C HIS A 90 -13.64 18.08 -24.77
N GLU A 91 -13.65 19.21 -25.47
CA GLU A 91 -13.32 20.49 -24.85
C GLU A 91 -14.28 20.90 -23.73
N ASN A 92 -15.48 20.32 -23.69
CA ASN A 92 -16.41 20.58 -22.61
C ASN A 92 -16.60 19.46 -21.63
N ILE A 93 -15.59 18.58 -21.57
CA ILE A 93 -15.50 17.55 -20.53
C ILE A 93 -14.14 17.80 -19.88
N LEU A 94 -14.10 17.75 -18.56
CA LEU A 94 -12.84 17.95 -17.84
C LEU A 94 -11.78 16.94 -18.32
N GLY A 95 -10.59 17.47 -18.61
CA GLY A 95 -9.50 16.71 -19.23
C GLY A 95 -8.84 15.80 -18.22
N PHE A 96 -8.90 14.53 -18.54
CA PHE A 96 -8.30 13.47 -17.70
C PHE A 96 -6.83 13.38 -18.04
N ILE A 97 -6.03 13.22 -17.00
CA ILE A 97 -4.56 13.09 -17.15
C ILE A 97 -4.07 11.71 -16.73
N ALA A 98 -4.40 11.28 -15.52
CA ALA A 98 -3.85 10.04 -14.98
C ALA A 98 -4.59 9.60 -13.73
N ALA A 99 -4.53 8.29 -13.46
CA ALA A 99 -4.92 7.68 -12.18
C ALA A 99 -3.71 6.93 -11.62
N ASP A 100 -3.49 7.04 -10.31
CA ASP A 100 -2.37 6.37 -9.65
C ASP A 100 -2.72 6.17 -8.14
N ILE A 101 -1.85 5.49 -7.42
CA ILE A 101 -2.09 5.07 -6.06
C ILE A 101 -0.84 5.36 -5.24
N LYS A 102 -1.03 5.83 -4.02
CA LYS A 102 0.07 6.04 -3.07
C LYS A 102 -0.38 5.62 -1.69
N GLY A 103 0.62 5.34 -0.87
CA GLY A 103 0.47 5.23 0.55
C GLY A 103 0.26 3.80 0.95
N THR A 104 -0.10 3.65 2.21
CA THR A 104 -0.04 2.38 2.85
C THR A 104 -1.29 2.02 3.69
N GLY A 105 -1.78 0.79 3.47
CA GLY A 105 -2.86 0.16 4.24
C GLY A 105 -4.13 1.00 4.33
N SER A 106 -4.58 1.30 5.53
CA SER A 106 -5.83 2.05 5.76
C SER A 106 -5.75 3.48 5.25
N TRP A 107 -4.51 3.97 5.10
CA TRP A 107 -4.24 5.31 4.63
C TRP A 107 -3.95 5.39 3.12
N THR A 108 -4.16 4.29 2.39
CA THR A 108 -3.89 4.26 0.96
C THR A 108 -4.75 5.31 0.29
N GLN A 109 -4.15 6.08 -0.61
CA GLN A 109 -4.88 7.09 -1.37
C GLN A 109 -4.83 6.75 -2.85
N LEU A 110 -6.00 6.86 -3.50
CA LEU A 110 -6.23 6.69 -4.91
C LEU A 110 -6.44 8.07 -5.57
N TYR A 111 -5.61 8.37 -6.57
CA TYR A 111 -5.62 9.69 -7.19
C TYR A 111 -6.27 9.62 -8.56
N LEU A 112 -7.15 10.58 -8.83
CA LEU A 112 -7.68 10.81 -10.15
C LEU A 112 -7.21 12.19 -10.52
N ILE A 113 -6.32 12.27 -11.51
CA ILE A 113 -5.61 13.49 -11.85
C ILE A 113 -6.12 14.09 -13.16
N THR A 114 -6.48 15.38 -13.10
CA THR A 114 -7.13 16.07 -14.23
C THR A 114 -6.53 17.46 -14.45
N ASP A 115 -6.93 18.10 -15.55
CA ASP A 115 -6.66 19.53 -15.73
C ASP A 115 -7.13 20.33 -14.51
N TYR A 116 -6.42 21.41 -14.20
CA TYR A 116 -6.80 22.33 -13.13
C TYR A 116 -7.29 23.62 -13.78
N HIS A 117 -8.45 24.13 -13.32
CA HIS A 117 -9.02 25.37 -13.83
C HIS A 117 -9.11 26.43 -12.72
N GLU A 118 -8.32 27.48 -12.85
CA GLU A 118 -8.08 28.45 -11.77
C GLU A 118 -9.28 29.32 -11.44
N ASN A 119 -10.19 29.47 -12.40
CA ASN A 119 -11.47 30.12 -12.14
C ASN A 119 -12.41 29.30 -11.27
N GLY A 120 -12.12 28.01 -11.08
CA GLY A 120 -12.99 27.17 -10.29
C GLY A 120 -14.26 26.84 -11.03
N SER A 121 -15.30 26.51 -10.28
CA SER A 121 -16.54 26.01 -10.82
C SER A 121 -17.42 27.16 -11.23
N LEU A 122 -18.52 26.84 -11.88
CA LEU A 122 -19.53 27.85 -12.22
C LEU A 122 -20.07 28.52 -10.97
N TYR A 123 -20.22 27.76 -9.88
CA TYR A 123 -20.64 28.33 -8.60
C TYR A 123 -19.67 29.45 -8.17
N ASP A 124 -18.39 29.18 -8.24
CA ASP A 124 -17.37 30.18 -7.82
C ASP A 124 -17.37 31.38 -8.77
N TYR A 125 -17.38 31.07 -10.06
CA TYR A 125 -17.29 32.10 -11.09
C TYR A 125 -18.49 33.07 -11.09
N LEU A 126 -19.70 32.54 -10.95
CA LEU A 126 -20.89 33.36 -10.83
C LEU A 126 -20.92 34.24 -9.55
N LYS A 127 -20.34 33.74 -8.46
CA LYS A 127 -20.23 34.57 -7.28
C LYS A 127 -19.20 35.67 -7.47
N SER A 128 -18.25 35.44 -8.36
CA SER A 128 -17.13 36.34 -8.53
C SER A 128 -17.41 37.47 -9.52
N THR A 129 -18.34 37.29 -10.44
CA THR A 129 -18.52 38.28 -11.48
C THR A 129 -19.91 38.28 -12.04
N THR A 130 -20.30 39.40 -12.63
CA THR A 130 -21.60 39.49 -13.28
C THR A 130 -21.32 39.31 -14.76
N LEU A 131 -22.37 39.05 -15.52
CA LEU A 131 -22.23 38.68 -16.94
C LEU A 131 -22.94 39.63 -17.91
N ASP A 132 -22.53 39.64 -19.19
CA ASP A 132 -23.41 40.11 -20.29
C ASP A 132 -24.01 38.91 -21.04
N ALA A 133 -24.88 39.21 -21.99
CA ALA A 133 -25.53 38.16 -22.77
C ALA A 133 -24.50 37.22 -23.40
N LYS A 134 -23.43 37.77 -23.91
CA LYS A 134 -22.44 37.01 -24.66
C LYS A 134 -21.75 36.01 -23.72
N SER A 135 -21.30 36.45 -22.55
CA SER A 135 -20.68 35.52 -21.59
CA SER A 135 -20.67 35.51 -21.60
C SER A 135 -21.69 34.52 -21.05
N MET A 136 -22.92 34.97 -20.79
CA MET A 136 -23.99 34.06 -20.32
C MET A 136 -24.20 32.93 -21.34
N LEU A 137 -24.34 33.29 -22.62
CA LEU A 137 -24.59 32.27 -23.65
C LEU A 137 -23.40 31.36 -23.85
N LYS A 138 -22.19 31.89 -23.76
CA LYS A 138 -20.98 31.11 -23.91
C LYS A 138 -20.89 30.06 -22.80
N LEU A 139 -21.26 30.42 -21.56
CA LEU A 139 -21.21 29.45 -20.44
C LEU A 139 -22.30 28.40 -20.62
N ALA A 140 -23.49 28.85 -20.99
CA ALA A 140 -24.64 27.94 -21.17
C ALA A 140 -24.42 27.00 -22.35
N TYR A 141 -23.95 27.55 -23.46
CA TYR A 141 -23.80 26.79 -24.70
C TYR A 141 -22.71 25.75 -24.54
N SER A 142 -21.58 26.16 -23.96
CA SER A 142 -20.43 25.26 -23.78
C SER A 142 -20.76 24.13 -22.80
N SER A 143 -21.43 24.49 -21.71
CA SER A 143 -21.85 23.52 -20.73
C SER A 143 -22.80 22.54 -21.38
N VAL A 144 -23.79 23.00 -22.16
CA VAL A 144 -24.76 22.03 -22.74
C VAL A 144 -24.10 21.21 -23.86
N SER A 145 -23.07 21.77 -24.47
CA SER A 145 -22.33 21.05 -25.53
C SER A 145 -21.64 19.86 -24.88
N GLY A 146 -21.05 20.07 -23.70
CA GLY A 146 -20.50 18.93 -22.90
C GLY A 146 -21.55 17.88 -22.56
N LEU A 147 -22.72 18.34 -22.14
CA LEU A 147 -23.79 17.41 -21.73
C LEU A 147 -24.28 16.57 -22.89
N CYS A 148 -24.49 17.25 -24.01
CA CYS A 148 -24.96 16.63 -25.23
C CYS A 148 -23.97 15.59 -25.70
N HIS A 149 -22.68 15.93 -25.68
CA HIS A 149 -21.64 14.93 -25.94
C HIS A 149 -21.74 13.69 -25.03
N LEU A 150 -21.94 13.90 -23.73
CA LEU A 150 -22.11 12.77 -22.84
C LEU A 150 -23.30 11.94 -23.30
N HIS A 151 -24.42 12.60 -23.55
CA HIS A 151 -25.67 11.92 -23.85
C HIS A 151 -25.67 11.19 -25.18
N THR A 152 -24.80 11.61 -26.09
CA THR A 152 -24.81 11.07 -27.47
C THR A 152 -23.83 9.92 -27.72
N GLU A 153 -24.38 8.77 -28.11
CA GLU A 153 -23.58 7.64 -28.52
C GLU A 153 -22.79 7.96 -29.82
N ILE A 154 -21.54 7.50 -29.90
CA ILE A 154 -20.71 7.68 -31.10
C ILE A 154 -20.24 6.33 -31.60
N PHE A 155 -20.63 5.98 -32.82
CA PHE A 155 -20.25 4.68 -33.39
C PHE A 155 -18.85 4.79 -33.97
N SER A 156 -18.04 3.81 -33.61
CA SER A 156 -16.75 3.60 -34.26
C SER A 156 -16.44 2.13 -34.07
N THR A 157 -15.34 1.69 -34.67
CA THR A 157 -14.75 0.39 -34.35
C THR A 157 -14.74 0.22 -32.81
N GLN A 158 -14.15 1.20 -32.09
CA GLN A 158 -14.25 1.33 -30.63
C GLN A 158 -15.16 2.52 -30.26
N GLY A 159 -16.44 2.27 -29.99
CA GLY A 159 -17.43 3.35 -29.84
C GLY A 159 -17.53 4.00 -28.47
N LYS A 160 -18.31 5.08 -28.40
CA LYS A 160 -18.64 5.70 -27.11
C LYS A 160 -20.11 5.51 -26.83
N PRO A 161 -20.46 4.93 -25.66
CA PRO A 161 -21.88 4.77 -25.41
C PRO A 161 -22.50 6.09 -24.96
N ALA A 162 -23.83 6.16 -25.04
CA ALA A 162 -24.62 7.20 -24.40
C ALA A 162 -24.32 7.18 -22.93
N ILE A 163 -24.08 8.34 -22.34
CA ILE A 163 -23.80 8.43 -20.90
C ILE A 163 -24.66 9.49 -20.22
N ALA A 164 -25.37 9.13 -19.14
CA ALA A 164 -26.11 10.08 -18.29
C ALA A 164 -25.23 10.44 -17.06
N HIS A 165 -25.18 11.72 -16.70
CA HIS A 165 -24.24 12.19 -15.74
C HIS A 165 -24.66 11.91 -14.29
N ARG A 166 -25.89 12.30 -13.94
CA ARG A 166 -26.57 12.00 -12.67
C ARG A 166 -26.18 12.80 -11.43
N ASP A 167 -25.30 13.76 -11.58
CA ASP A 167 -24.92 14.60 -10.46
C ASP A 167 -24.59 15.97 -10.92
N LEU A 168 -25.40 16.50 -11.84
CA LEU A 168 -25.14 17.83 -12.39
C LEU A 168 -25.47 18.88 -11.39
N LYS A 169 -24.55 19.83 -11.22
CA LYS A 169 -24.76 21.00 -10.41
C LYS A 169 -23.69 22.01 -10.78
N SER A 170 -23.85 23.25 -10.34
CA SER A 170 -22.93 24.30 -10.73
C SER A 170 -21.52 24.09 -10.18
N LYS A 171 -21.42 23.43 -9.03
CA LYS A 171 -20.15 23.04 -8.48
C LYS A 171 -19.41 21.95 -9.27
N ASN A 172 -20.10 21.29 -10.20
CA ASN A 172 -19.46 20.23 -11.00
C ASN A 172 -19.14 20.61 -12.44
N ILE A 173 -19.27 21.89 -12.73
CA ILE A 173 -18.88 22.47 -14.00
C ILE A 173 -17.77 23.48 -13.76
N LEU A 174 -16.68 23.30 -14.50
CA LEU A 174 -15.54 24.25 -14.41
C LEU A 174 -15.58 25.32 -15.50
N VAL A 175 -15.12 26.51 -15.16
CA VAL A 175 -14.97 27.58 -16.14
C VAL A 175 -13.51 27.74 -16.48
N LYS A 176 -13.19 27.51 -17.74
CA LYS A 176 -11.81 27.65 -18.20
C LYS A 176 -11.40 29.12 -18.36
N LYS A 177 -10.11 29.33 -18.63
CA LYS A 177 -9.57 30.67 -18.84
C LYS A 177 -10.28 31.40 -19.98
N ASN A 178 -10.67 30.71 -21.05
CA ASN A 178 -11.38 31.33 -22.17
C ASN A 178 -12.89 31.56 -22.02
N GLY A 179 -13.42 31.48 -20.81
CA GLY A 179 -14.85 31.76 -20.59
C GLY A 179 -15.80 30.59 -20.93
N THR A 180 -15.26 29.43 -21.32
CA THR A 180 -16.10 28.26 -21.61
C THR A 180 -16.03 27.23 -20.51
N CYS A 181 -16.99 26.31 -20.52
CA CYS A 181 -17.19 25.35 -19.44
C CYS A 181 -16.85 23.93 -19.83
N CYS A 182 -16.47 23.15 -18.83
CA CYS A 182 -16.31 21.72 -18.96
C CYS A 182 -16.89 21.02 -17.75
N ILE A 183 -17.51 19.85 -18.01
CA ILE A 183 -18.21 19.07 -17.02
C ILE A 183 -17.29 18.05 -16.32
N ALA A 184 -17.45 17.93 -15.00
CA ALA A 184 -16.65 17.04 -14.15
C ALA A 184 -17.55 16.27 -13.26
N ASP A 185 -16.90 15.41 -12.46
CA ASP A 185 -17.51 14.54 -11.45
C ASP A 185 -18.36 13.47 -12.08
N LEU A 186 -17.72 12.45 -12.62
CA LEU A 186 -18.41 11.40 -13.42
C LEU A 186 -18.61 10.09 -12.69
N GLY A 187 -18.44 10.13 -11.36
CA GLY A 187 -18.52 8.96 -10.50
C GLY A 187 -19.88 8.33 -10.30
N LEU A 188 -20.96 9.07 -10.55
CA LEU A 188 -22.31 8.46 -10.63
C LEU A 188 -22.81 8.26 -12.03
N ALA A 189 -21.99 8.55 -13.05
CA ALA A 189 -22.43 8.45 -14.43
C ALA A 189 -22.84 7.00 -14.80
N VAL A 190 -23.87 6.86 -15.62
CA VAL A 190 -24.32 5.55 -16.10
C VAL A 190 -24.15 5.49 -17.64
N LYS A 191 -23.55 4.41 -18.11
CA LYS A 191 -23.42 4.15 -19.58
C LYS A 191 -24.57 3.28 -20.05
N PHE A 192 -25.04 3.51 -21.27
CA PHE A 192 -26.02 2.61 -21.82
C PHE A 192 -25.33 1.25 -22.18
N ILE A 193 -25.82 0.17 -21.58
CA ILE A 193 -25.30 -1.18 -21.84
C ILE A 193 -26.42 -2.25 -21.84
N PRO A 203 -27.91 0.07 -11.04
CA PRO A 203 -27.65 1.33 -10.36
C PRO A 203 -28.81 1.81 -9.47
N ASN A 204 -28.48 2.29 -8.25
CA ASN A 204 -29.47 2.91 -7.34
C ASN A 204 -30.06 4.13 -8.02
N THR A 205 -31.35 4.37 -7.78
CA THR A 205 -32.02 5.53 -8.35
C THR A 205 -31.66 6.81 -7.62
N ARG A 206 -31.80 6.79 -6.30
CA ARG A 206 -31.63 8.02 -5.51
C ARG A 206 -30.18 8.26 -5.11
N VAL A 207 -29.44 8.84 -6.05
CA VAL A 207 -28.06 9.23 -5.81
C VAL A 207 -27.90 10.65 -6.37
N GLY A 208 -26.90 11.37 -5.86
CA GLY A 208 -26.58 12.71 -6.36
C GLY A 208 -26.79 13.80 -5.33
N THR A 209 -26.97 15.02 -5.81
CA THR A 209 -27.18 16.16 -4.96
C THR A 209 -28.64 16.48 -4.90
N LYS A 210 -29.16 16.44 -3.68
CA LYS A 210 -30.57 16.45 -3.42
C LYS A 210 -31.29 17.68 -4.01
N ARG A 211 -30.65 18.85 -3.88
CA ARG A 211 -31.18 20.10 -4.39
C ARG A 211 -31.44 20.10 -5.88
N TYR A 212 -30.69 19.31 -6.64
CA TYR A 212 -30.90 19.26 -8.07
C TYR A 212 -31.65 18.03 -8.56
N MET A 213 -32.16 17.19 -7.66
CA MET A 213 -32.80 15.95 -8.10
C MET A 213 -34.15 16.29 -8.67
N PRO A 214 -34.48 15.69 -9.81
CA PRO A 214 -35.83 15.90 -10.35
C PRO A 214 -36.88 15.15 -9.51
N PRO A 215 -38.16 15.50 -9.65
CA PRO A 215 -39.20 14.88 -8.83
C PRO A 215 -39.21 13.36 -8.85
N GLU A 216 -38.95 12.78 -10.03
CA GLU A 216 -39.01 11.32 -10.18
C GLU A 216 -37.83 10.62 -9.50
N VAL A 217 -36.72 11.34 -9.29
CA VAL A 217 -35.59 10.79 -8.52
C VAL A 217 -35.90 10.94 -7.02
N LEU A 218 -36.40 12.09 -6.63
CA LEU A 218 -36.77 12.35 -5.23
C LEU A 218 -37.75 11.32 -4.68
N ASP A 219 -38.73 10.88 -5.49
CA ASP A 219 -39.76 9.93 -5.03
C ASP A 219 -39.59 8.52 -5.56
N GLU A 220 -38.44 8.26 -6.17
CA GLU A 220 -38.07 6.92 -6.62
C GLU A 220 -39.05 6.33 -7.66
N SER A 221 -39.77 7.20 -8.35
CA SER A 221 -40.62 6.75 -9.45
C SER A 221 -39.91 6.77 -10.82
N LEU A 222 -38.63 7.15 -10.84
CA LEU A 222 -37.82 7.05 -12.05
C LEU A 222 -37.92 5.64 -12.62
N ASN A 223 -38.24 5.57 -13.92
CA ASN A 223 -38.40 4.29 -14.60
C ASN A 223 -37.07 3.65 -14.93
N ARG A 224 -36.69 2.66 -14.12
CA ARG A 224 -35.41 2.01 -14.26
C ARG A 224 -35.33 1.10 -15.50
N ASN A 225 -36.47 0.83 -16.16
CA ASN A 225 -36.47 0.01 -17.41
C ASN A 225 -35.85 0.67 -18.65
N HIS A 226 -35.68 2.00 -18.60
CA HIS A 226 -35.19 2.77 -19.74
C HIS A 226 -34.01 3.65 -19.34
N PHE A 227 -32.90 3.46 -20.03
CA PHE A 227 -31.75 4.32 -19.88
C PHE A 227 -32.15 5.79 -20.01
N GLN A 228 -33.05 6.08 -20.96
CA GLN A 228 -33.51 7.45 -21.25
C GLN A 228 -33.95 8.21 -20.01
N SER A 229 -34.43 7.49 -19.00
CA SER A 229 -34.90 8.16 -17.80
C SER A 229 -33.77 8.98 -17.13
N TYR A 230 -32.55 8.47 -17.24
CA TYR A 230 -31.38 9.11 -16.61
C TYR A 230 -30.99 10.35 -17.36
N ILE A 231 -31.13 10.29 -18.68
CA ILE A 231 -30.86 11.39 -19.55
C ILE A 231 -31.88 12.48 -19.33
N MET A 232 -33.14 12.11 -19.23
CA MET A 232 -34.17 13.10 -18.99
C MET A 232 -34.04 13.74 -17.61
N ALA A 233 -33.62 12.94 -16.64
CA ALA A 233 -33.31 13.45 -15.31
C ALA A 233 -32.23 14.51 -15.39
N ASP A 234 -31.20 14.24 -16.18
CA ASP A 234 -30.12 15.22 -16.31
C ASP A 234 -30.66 16.60 -16.78
N MET A 235 -31.61 16.61 -17.71
CA MET A 235 -32.07 17.87 -18.27
C MET A 235 -32.80 18.78 -17.28
N TYR A 236 -33.56 18.20 -16.34
CA TYR A 236 -34.12 18.99 -15.24
C TYR A 236 -33.03 19.69 -14.46
N SER A 237 -31.99 18.94 -14.10
CA SER A 237 -30.92 19.46 -13.31
C SER A 237 -30.23 20.55 -14.08
N PHE A 238 -30.05 20.36 -15.40
CA PHE A 238 -29.36 21.39 -16.18
C PHE A 238 -30.22 22.69 -16.27
N GLY A 239 -31.53 22.53 -16.31
CA GLY A 239 -32.44 23.70 -16.28
C GLY A 239 -32.18 24.60 -15.07
N LEU A 240 -32.00 23.99 -13.91
CA LEU A 240 -31.68 24.72 -12.67
C LEU A 240 -30.38 25.50 -12.77
N ILE A 241 -29.39 24.92 -13.41
CA ILE A 241 -28.12 25.62 -13.66
C ILE A 241 -28.26 26.83 -14.58
N LEU A 242 -29.07 26.70 -15.64
CA LEU A 242 -29.36 27.84 -16.53
C LEU A 242 -29.93 29.02 -15.71
N TRP A 243 -30.85 28.72 -14.82
CA TRP A 243 -31.36 29.73 -13.88
C TRP A 243 -30.23 30.36 -13.09
N GLU A 244 -29.33 29.57 -12.52
CA GLU A 244 -28.24 30.17 -11.73
C GLU A 244 -27.43 31.17 -12.51
N VAL A 245 -27.12 30.81 -13.75
CA VAL A 245 -26.29 31.61 -14.67
C VAL A 245 -27.06 32.85 -15.10
N ALA A 246 -28.33 32.68 -15.51
CA ALA A 246 -29.11 33.80 -16.05
C ALA A 246 -29.27 34.93 -15.03
N ARG A 247 -29.43 34.60 -13.76
CA ARG A 247 -29.57 35.62 -12.71
C ARG A 247 -28.41 36.56 -12.71
N ARG A 248 -27.25 36.08 -13.16
CA ARG A 248 -26.04 36.91 -13.16
C ARG A 248 -25.78 37.77 -14.40
N CYS A 249 -26.68 37.69 -15.37
CA CYS A 249 -26.57 38.49 -16.62
C CYS A 249 -27.19 39.80 -16.35
N VAL A 250 -26.43 40.87 -16.52
CA VAL A 250 -26.95 42.22 -16.31
C VAL A 250 -27.86 42.61 -17.46
N SER A 251 -28.98 43.27 -17.15
CA SER A 251 -29.83 43.90 -18.13
C SER A 251 -30.44 45.16 -17.47
N GLY A 252 -30.53 46.25 -18.22
CA GLY A 252 -31.08 47.50 -17.69
C GLY A 252 -30.33 47.99 -16.46
N GLY A 253 -29.02 47.81 -16.45
CA GLY A 253 -28.18 48.20 -15.32
C GLY A 253 -28.43 47.45 -14.02
N ILE A 254 -29.21 46.37 -14.07
CA ILE A 254 -29.63 45.60 -12.90
C ILE A 254 -29.25 44.10 -12.99
N VAL A 255 -28.94 43.49 -11.85
CA VAL A 255 -28.48 42.11 -11.80
C VAL A 255 -28.83 41.54 -10.43
N GLU A 256 -29.08 40.25 -10.36
CA GLU A 256 -29.30 39.59 -9.06
C GLU A 256 -28.01 39.12 -8.41
N GLU A 257 -28.07 38.88 -7.11
CA GLU A 257 -26.94 38.28 -6.42
C GLU A 257 -26.92 36.77 -6.71
N TYR A 258 -25.73 36.18 -6.69
CA TYR A 258 -25.67 34.74 -6.87
C TYR A 258 -26.49 33.98 -5.84
N GLN A 259 -27.31 33.07 -6.34
CA GLN A 259 -27.99 32.13 -5.44
C GLN A 259 -28.10 30.76 -6.11
N LEU A 260 -28.11 29.72 -5.26
CA LEU A 260 -28.41 28.38 -5.66
C LEU A 260 -29.92 28.21 -5.88
N PRO A 261 -30.31 27.24 -6.70
CA PRO A 261 -31.73 27.08 -6.94
C PRO A 261 -32.42 26.65 -5.67
N TYR A 262 -33.62 27.20 -5.46
CA TYR A 262 -34.49 26.91 -4.30
C TYR A 262 -33.97 27.50 -2.99
N HIS A 263 -33.04 28.43 -3.12
CA HIS A 263 -32.43 29.10 -1.96
C HIS A 263 -33.49 29.70 -1.01
N ASP A 264 -34.59 30.20 -1.56
CA ASP A 264 -35.62 30.87 -0.75
C ASP A 264 -36.67 29.89 -0.20
N LEU A 265 -36.62 28.64 -0.66
CA LEU A 265 -37.63 27.65 -0.32
C LEU A 265 -37.13 26.49 0.56
N VAL A 266 -35.82 26.27 0.62
CA VAL A 266 -35.25 25.21 1.48
C VAL A 266 -33.98 25.66 2.18
N PRO A 267 -33.65 25.01 3.31
CA PRO A 267 -32.38 25.27 3.98
C PRO A 267 -31.20 24.77 3.17
N SER A 268 -30.02 25.30 3.47
CA SER A 268 -28.79 24.74 2.93
C SER A 268 -28.73 23.25 3.28
N ASP A 269 -28.08 22.47 2.42
CA ASP A 269 -27.96 21.02 2.60
C ASP A 269 -29.38 20.44 2.83
N PRO A 270 -30.29 20.70 1.88
CA PRO A 270 -31.65 20.26 2.07
C PRO A 270 -31.79 18.77 2.08
N SER A 271 -32.81 18.29 2.79
CA SER A 271 -33.07 16.88 2.93
C SER A 271 -34.03 16.38 1.87
N TYR A 272 -34.17 15.06 1.75
CA TYR A 272 -35.17 14.49 0.88
C TYR A 272 -36.55 15.03 1.19
N GLU A 273 -36.91 15.09 2.47
CA GLU A 273 -38.22 15.56 2.89
C GLU A 273 -38.43 17.01 2.44
N ASP A 274 -37.38 17.85 2.57
CA ASP A 274 -37.46 19.26 2.20
C ASP A 274 -37.76 19.36 0.70
N MET A 275 -36.94 18.66 -0.09
CA MET A 275 -37.04 18.72 -1.52
C MET A 275 -38.36 18.07 -2.03
N ARG A 276 -38.73 16.92 -1.47
CA ARG A 276 -39.99 16.26 -1.91
C ARG A 276 -41.17 17.21 -1.80
N GLU A 277 -41.22 17.94 -0.70
CA GLU A 277 -42.33 18.85 -0.43
C GLU A 277 -42.40 19.94 -1.52
N ILE A 278 -41.27 20.56 -1.80
CA ILE A 278 -41.25 21.70 -2.72
C ILE A 278 -41.47 21.27 -4.18
N VAL A 279 -40.76 20.22 -4.58
CA VAL A 279 -40.60 19.83 -5.98
C VAL A 279 -41.60 18.74 -6.39
N CYS A 280 -41.81 17.74 -5.55
CA CYS A 280 -42.73 16.64 -5.86
C CYS A 280 -44.20 17.00 -5.58
N ILE A 281 -44.45 17.62 -4.42
CA ILE A 281 -45.84 17.83 -3.96
C ILE A 281 -46.38 19.16 -4.44
N LYS A 282 -45.78 20.25 -3.98
CA LYS A 282 -46.20 21.58 -4.39
C LYS A 282 -45.75 21.93 -5.83
N LYS A 283 -44.89 21.09 -6.39
CA LYS A 283 -44.34 21.28 -7.73
C LYS A 283 -43.90 22.72 -8.05
N LEU A 284 -43.24 23.37 -7.12
CA LEU A 284 -42.65 24.69 -7.33
C LEU A 284 -41.34 24.62 -8.15
N ARG A 285 -40.94 25.76 -8.71
CA ARG A 285 -39.68 25.88 -9.47
C ARG A 285 -39.07 27.25 -9.16
N PRO A 286 -37.76 27.42 -9.42
CA PRO A 286 -37.16 28.71 -9.10
C PRO A 286 -37.92 29.83 -9.80
N SER A 287 -38.04 30.99 -9.15
CA SER A 287 -38.82 32.10 -9.70
CA SER A 287 -38.82 32.09 -9.70
C SER A 287 -37.93 32.98 -10.55
N PHE A 288 -38.55 33.65 -11.52
CA PHE A 288 -37.89 34.55 -12.44
C PHE A 288 -38.03 35.97 -11.94
N PRO A 289 -36.91 36.67 -11.70
CA PRO A 289 -36.96 38.09 -11.43
C PRO A 289 -37.74 38.85 -12.52
N ASN A 290 -38.52 39.84 -12.09
CA ASN A 290 -39.38 40.62 -12.98
C ASN A 290 -38.63 41.25 -14.14
N ARG A 291 -37.47 41.81 -13.86
CA ARG A 291 -36.68 42.44 -14.90
C ARG A 291 -36.36 41.55 -16.12
N TRP A 292 -36.40 40.23 -15.95
CA TRP A 292 -36.23 39.33 -17.11
C TRP A 292 -37.27 39.59 -18.21
N SER A 293 -38.49 39.97 -17.86
CA SER A 293 -39.54 40.10 -18.88
C SER A 293 -39.35 41.35 -19.71
N SER A 294 -38.41 42.22 -19.31
CA SER A 294 -38.06 43.40 -20.08
C SER A 294 -36.89 43.23 -21.06
N ASP A 295 -36.39 42.01 -21.26
CA ASP A 295 -35.23 41.76 -22.14
C ASP A 295 -35.49 40.52 -22.93
N GLU A 296 -35.47 40.59 -24.25
CA GLU A 296 -35.87 39.44 -25.05
C GLU A 296 -35.01 38.22 -24.77
N CYS A 297 -33.72 38.45 -24.63
CA CYS A 297 -32.79 37.32 -24.40
C CYS A 297 -33.09 36.60 -23.08
N LEU A 298 -33.27 37.35 -22.01
CA LEU A 298 -33.58 36.73 -20.72
C LEU A 298 -34.97 36.08 -20.70
N ARG A 299 -35.92 36.67 -21.45
CA ARG A 299 -37.21 36.03 -21.67
CA ARG A 299 -37.22 36.03 -21.68
C ARG A 299 -37.05 34.64 -22.31
N GLN A 300 -36.25 34.55 -23.36
CA GLN A 300 -35.95 33.31 -24.02
C GLN A 300 -35.22 32.28 -23.12
N MET A 301 -34.32 32.77 -22.26
CA MET A 301 -33.62 31.90 -21.31
C MET A 301 -34.63 31.35 -20.34
N GLY A 302 -35.54 32.21 -19.88
CA GLY A 302 -36.60 31.78 -18.98
C GLY A 302 -37.45 30.64 -19.55
N LYS A 303 -37.80 30.75 -20.81
CA LYS A 303 -38.61 29.75 -21.51
C LYS A 303 -37.85 28.44 -21.66
N LEU A 304 -36.56 28.55 -21.93
CA LEU A 304 -35.65 27.39 -22.05
C LEU A 304 -35.57 26.61 -20.73
N MET A 305 -35.37 27.32 -19.62
CA MET A 305 -35.37 26.72 -18.26
C MET A 305 -36.65 25.97 -18.02
N THR A 306 -37.75 26.68 -18.25
CA THR A 306 -39.07 26.08 -17.99
C THR A 306 -39.22 24.77 -18.73
N GLU A 307 -38.77 24.75 -19.97
CA GLU A 307 -38.96 23.59 -20.82
C GLU A 307 -37.99 22.46 -20.49
N CYS A 308 -36.90 22.79 -19.80
CA CYS A 308 -35.95 21.80 -19.28
C CYS A 308 -36.45 21.11 -18.01
N TRP A 309 -37.13 21.86 -17.15
CA TRP A 309 -37.49 21.36 -15.83
C TRP A 309 -38.97 21.00 -15.65
N ALA A 310 -39.64 20.68 -16.74
CA ALA A 310 -41.06 20.22 -16.68
C ALA A 310 -41.15 18.99 -15.79
N HIS A 311 -42.26 18.85 -15.06
CA HIS A 311 -42.49 17.68 -14.19
C HIS A 311 -42.39 16.35 -14.97
N ASN A 312 -42.98 16.33 -16.15
CA ASN A 312 -43.05 15.09 -16.95
C ASN A 312 -41.75 14.98 -17.76
N PRO A 313 -40.92 13.97 -17.46
CA PRO A 313 -39.62 13.80 -18.11
C PRO A 313 -39.70 13.87 -19.61
N ALA A 314 -40.75 13.25 -20.18
CA ALA A 314 -40.93 13.16 -21.63
C ALA A 314 -41.15 14.50 -22.28
N SER A 315 -41.61 15.46 -21.49
CA SER A 315 -41.89 16.81 -21.99
C SER A 315 -40.63 17.68 -21.99
N ARG A 316 -39.58 17.26 -21.27
CA ARG A 316 -38.34 18.08 -21.17
C ARG A 316 -37.59 18.17 -22.50
N LEU A 317 -36.96 19.31 -22.76
CA LEU A 317 -36.12 19.43 -23.94
C LEU A 317 -34.93 18.50 -23.84
N THR A 318 -34.43 18.06 -25.00
CA THR A 318 -33.22 17.28 -25.07
C THR A 318 -32.05 18.24 -25.02
N ALA A 319 -30.88 17.71 -24.68
CA ALA A 319 -29.65 18.49 -24.67
C ALA A 319 -29.33 19.01 -26.04
N LEU A 320 -29.53 18.19 -27.06
CA LEU A 320 -29.37 18.67 -28.44
C LEU A 320 -30.32 19.84 -28.75
N ARG A 321 -31.59 19.72 -28.38
CA ARG A 321 -32.52 20.84 -28.63
CA ARG A 321 -32.54 20.84 -28.61
C ARG A 321 -32.03 22.13 -27.94
N VAL A 322 -31.59 22.00 -26.68
CA VAL A 322 -31.12 23.15 -25.90
C VAL A 322 -29.88 23.78 -26.56
N LYS A 323 -28.96 22.92 -26.97
CA LYS A 323 -27.78 23.34 -27.70
C LYS A 323 -28.20 24.15 -28.91
N LYS A 324 -29.03 23.57 -29.75
CA LYS A 324 -29.49 24.28 -30.95
C LYS A 324 -30.20 25.62 -30.62
N THR A 325 -31.04 25.63 -29.57
CA THR A 325 -31.74 26.86 -29.17
C THR A 325 -30.76 27.93 -28.76
N LEU A 326 -29.81 27.59 -27.90
CA LEU A 326 -28.76 28.53 -27.50
C LEU A 326 -27.89 28.98 -28.68
N ALA A 327 -27.66 28.10 -29.64
CA ALA A 327 -26.84 28.52 -30.82
C ALA A 327 -27.59 29.61 -31.59
N LYS A 328 -28.87 29.38 -31.80
CA LYS A 328 -29.73 30.35 -32.44
C LYS A 328 -29.80 31.69 -31.68
N MET A 329 -29.81 31.66 -30.34
CA MET A 329 -29.77 32.91 -29.55
C MET A 329 -28.45 33.67 -29.76
N SER A 330 -27.35 32.93 -29.77
CA SER A 330 -26.01 33.45 -29.98
C SER A 330 -25.86 34.17 -31.30
N GLU A 331 -26.22 33.49 -32.38
CA GLU A 331 -26.06 34.08 -33.69
C GLU A 331 -27.13 35.15 -33.93
N SER A 332 -28.14 35.20 -33.06
CA SER A 332 -29.21 36.19 -33.16
C SER A 332 -28.82 37.53 -32.51
N GLN A 333 -27.59 37.62 -32.06
CA GLN A 333 -27.08 38.83 -31.41
C GLN A 333 -25.67 39.05 -31.90
N ASP A 334 -25.31 38.31 -32.94
CA ASP A 334 -24.05 38.43 -33.62
C ASP A 334 -22.88 37.99 -32.75
N ILE A 335 -23.15 36.98 -31.92
CA ILE A 335 -22.20 36.40 -30.95
C ILE A 335 -21.64 35.11 -31.52
N LYS A 336 -20.33 34.94 -31.46
CA LYS A 336 -19.70 33.76 -32.03
C LYS A 336 -19.57 32.71 -30.92
N LEU A 337 -20.33 31.63 -31.05
CA LEU A 337 -20.30 30.46 -30.14
C LEU A 337 -20.90 30.72 -28.73
N GLU B 9 10.55 6.44 25.99
CA GLU B 9 11.20 6.18 24.68
C GLU B 9 12.25 5.06 24.74
N SER B 10 12.78 4.77 25.94
CA SER B 10 13.81 3.72 26.10
C SER B 10 13.26 2.34 25.69
N LEU B 11 13.63 1.94 24.48
CA LEU B 11 12.96 0.87 23.76
C LEU B 11 12.98 -0.47 24.52
N ARG B 12 14.05 -0.74 25.28
CA ARG B 12 14.11 -1.87 26.22
C ARG B 12 13.03 -1.74 27.28
N ASP B 13 12.95 -0.56 27.89
CA ASP B 13 11.96 -0.29 28.93
C ASP B 13 10.53 -0.35 28.35
N LEU B 14 10.32 0.15 27.13
CA LEU B 14 9.02 0.04 26.44
C LEU B 14 8.61 -1.39 26.20
N ILE B 15 9.58 -2.24 25.86
CA ILE B 15 9.37 -3.68 25.76
C ILE B 15 9.12 -4.33 27.16
N GLU B 16 9.96 -4.01 28.13
CA GLU B 16 9.79 -4.55 29.50
C GLU B 16 8.44 -4.18 30.10
N GLN B 17 8.00 -2.94 29.92
CA GLN B 17 6.69 -2.47 30.38
C GLN B 17 5.53 -3.27 29.82
N SER B 18 5.61 -3.59 28.54
CA SER B 18 4.52 -4.26 27.83
C SER B 18 4.49 -5.77 28.01
N GLN B 19 5.66 -6.39 28.17
CA GLN B 19 5.73 -7.82 28.40
C GLN B 19 5.42 -8.23 29.86
N SER B 20 5.53 -7.27 30.79
CA SER B 20 5.06 -7.45 32.19
C SER B 20 3.54 -7.63 32.22
N SER B 21 2.85 -6.87 31.37
CA SER B 21 1.42 -7.02 31.17
C SER B 21 1.17 -8.46 30.72
N GLY B 22 1.49 -8.77 29.47
CA GLY B 22 1.50 -10.17 29.11
C GLY B 22 1.22 -10.55 27.68
N SER B 23 1.39 -11.87 27.47
CA SER B 23 1.10 -12.59 26.22
C SER B 23 2.18 -12.46 25.13
N GLY B 24 2.34 -11.26 24.59
CA GLY B 24 3.15 -11.07 23.39
C GLY B 24 4.57 -10.62 23.67
N SER B 25 5.53 -11.31 23.05
CA SER B 25 6.93 -10.85 23.01
C SER B 25 6.94 -9.65 22.07
N GLY B 26 7.71 -8.63 22.41
CA GLY B 26 7.77 -7.41 21.64
C GLY B 26 6.90 -6.29 22.16
N LEU B 27 6.71 -5.28 21.33
CA LEU B 27 5.86 -4.14 21.68
C LEU B 27 4.38 -4.48 21.53
N PRO B 28 3.50 -3.76 22.26
CA PRO B 28 2.06 -3.94 22.03
C PRO B 28 1.67 -3.59 20.59
N LEU B 29 0.63 -4.24 20.09
CA LEU B 29 0.25 -4.12 18.65
C LEU B 29 0.16 -2.69 18.13
N LEU B 30 -0.59 -1.85 18.82
CA LEU B 30 -0.78 -0.48 18.36
C LEU B 30 0.53 0.28 18.34
N VAL B 31 1.46 -0.03 19.24
CA VAL B 31 2.81 0.57 19.18
C VAL B 31 3.62 0.01 18.01
N GLN B 32 3.51 -1.29 17.78
CA GLN B 32 4.28 -1.93 16.71
C GLN B 32 3.98 -1.25 15.39
N ARG B 33 2.70 -0.98 15.15
CA ARG B 33 2.26 -0.41 13.88
C ARG B 33 2.43 1.11 13.75
N THR B 34 3.25 1.71 14.63
CA THR B 34 3.72 3.09 14.48
C THR B 34 5.14 3.13 13.96
N ILE B 35 5.79 1.98 13.84
CA ILE B 35 7.24 1.95 13.72
C ILE B 35 7.78 2.09 12.31
N ALA B 36 7.19 1.38 11.35
CA ALA B 36 7.71 1.37 9.98
C ALA B 36 7.87 2.79 9.45
N LYS B 37 6.86 3.63 9.70
CA LYS B 37 6.86 5.01 9.18
C LYS B 37 7.91 5.89 9.87
N GLN B 38 8.30 5.55 11.09
CA GLN B 38 9.25 6.36 11.84
C GLN B 38 10.70 5.88 11.76
N ILE B 39 10.94 4.63 11.35
CA ILE B 39 12.31 4.17 11.28
C ILE B 39 13.05 4.89 10.15
N GLN B 40 14.28 5.33 10.39
CA GLN B 40 15.19 5.69 9.28
C GLN B 40 16.09 4.50 8.97
N MET B 41 16.01 4.05 7.73
CA MET B 41 16.77 2.94 7.30
C MET B 41 18.16 3.43 6.94
N VAL B 42 19.19 2.85 7.55
CA VAL B 42 20.55 3.38 7.42
C VAL B 42 21.36 2.64 6.36
N LYS B 43 21.49 1.34 6.54
CA LYS B 43 22.26 0.53 5.59
C LYS B 43 21.95 -0.94 5.71
N GLN B 44 22.21 -1.68 4.64
CA GLN B 44 22.04 -3.13 4.66
C GLN B 44 23.18 -3.70 5.46
N ILE B 45 22.88 -4.63 6.35
CA ILE B 45 23.91 -5.18 7.21
C ILE B 45 24.08 -6.68 7.01
N GLY B 46 23.17 -7.29 6.28
CA GLY B 46 23.29 -8.70 6.05
C GLY B 46 22.09 -9.23 5.32
N LYS B 47 21.98 -10.53 5.36
CA LYS B 47 20.96 -11.30 4.67
C LYS B 47 20.21 -12.18 5.65
N GLY B 48 18.96 -12.45 5.33
CA GLY B 48 18.15 -13.39 6.09
C GLY B 48 17.46 -14.22 5.04
N ARG B 49 16.89 -15.36 5.44
CA ARG B 49 16.17 -16.21 4.51
C ARG B 49 14.96 -15.42 4.04
N TYR B 50 14.84 -15.18 2.72
CA TYR B 50 13.68 -14.47 2.09
C TYR B 50 13.59 -12.97 2.31
N GLY B 51 14.65 -12.38 2.84
CA GLY B 51 14.72 -10.93 3.00
C GLY B 51 16.06 -10.38 3.48
N GLU B 52 16.39 -9.19 3.04
CA GLU B 52 17.58 -8.48 3.50
C GLU B 52 17.42 -7.97 4.91
N VAL B 53 18.55 -7.77 5.58
CA VAL B 53 18.57 -7.25 6.91
C VAL B 53 19.29 -5.88 6.86
N TRP B 54 18.63 -4.88 7.46
CA TRP B 54 19.12 -3.53 7.54
C TRP B 54 19.31 -3.11 8.98
N MET B 55 20.20 -2.14 9.16
CA MET B 55 20.20 -1.36 10.40
C MET B 55 19.30 -0.17 10.19
N GLY B 56 18.43 0.05 11.14
CA GLY B 56 17.65 1.27 11.17
C GLY B 56 17.83 1.99 12.47
N LYS B 57 17.31 3.21 12.54
CA LYS B 57 17.36 3.97 13.77
C LYS B 57 15.96 4.46 14.06
N TRP B 58 15.52 4.23 15.28
CA TRP B 58 14.22 4.68 15.67
C TRP B 58 14.50 5.60 16.82
N ARG B 59 14.15 6.86 16.63
CA ARG B 59 14.45 7.90 17.62
C ARG B 59 15.88 7.83 18.12
N GLY B 60 16.82 7.72 17.19
CA GLY B 60 18.23 7.64 17.55
C GLY B 60 18.73 6.30 18.07
N GLU B 61 17.84 5.35 18.35
CA GLU B 61 18.27 4.00 18.78
C GLU B 61 18.42 3.06 17.57
N LYS B 62 19.55 2.37 17.47
CA LYS B 62 19.75 1.37 16.44
C LYS B 62 18.95 0.12 16.66
N VAL B 63 18.28 -0.32 15.59
CA VAL B 63 17.54 -1.58 15.55
C VAL B 63 17.87 -2.25 14.23
N ALA B 64 17.56 -3.54 14.15
CA ALA B 64 17.74 -4.28 12.91
C ALA B 64 16.39 -4.48 12.29
N VAL B 65 16.35 -4.43 10.97
CA VAL B 65 15.10 -4.58 10.26
C VAL B 65 15.29 -5.61 9.17
N LYS B 66 14.56 -6.72 9.25
CA LYS B 66 14.50 -7.66 8.18
C LYS B 66 13.35 -7.24 7.27
N VAL B 67 13.66 -7.03 5.98
CA VAL B 67 12.73 -6.44 5.00
C VAL B 67 12.25 -7.53 4.03
N PHE B 68 10.96 -7.75 3.96
CA PHE B 68 10.44 -8.73 3.01
C PHE B 68 9.58 -7.98 1.99
N PHE B 69 9.61 -8.44 0.74
CA PHE B 69 8.61 -8.00 -0.24
C PHE B 69 7.42 -8.91 -0.12
N THR B 70 6.31 -8.45 -0.68
CA THR B 70 5.01 -9.13 -0.54
C THR B 70 4.94 -10.48 -1.21
N THR B 71 5.78 -10.72 -2.19
CA THR B 71 5.97 -12.08 -2.68
C THR B 71 6.48 -13.04 -1.60
N GLU B 72 7.21 -12.56 -0.59
CA GLU B 72 7.63 -13.40 0.55
C GLU B 72 6.80 -13.10 1.81
N GLU B 73 5.54 -12.73 1.62
CA GLU B 73 4.63 -12.44 2.75
C GLU B 73 4.41 -13.61 3.69
N ALA B 74 4.30 -14.82 3.16
CA ALA B 74 4.06 -15.99 4.00
C ALA B 74 5.22 -16.18 4.97
N SER B 75 6.43 -15.92 4.50
CA SER B 75 7.60 -16.04 5.35
C SER B 75 7.65 -14.97 6.46
N TRP B 76 7.31 -13.72 6.15
CA TRP B 76 7.21 -12.67 7.16
C TRP B 76 6.17 -13.09 8.17
N PHE B 77 5.04 -13.60 7.68
CA PHE B 77 4.03 -14.11 8.60
C PHE B 77 4.56 -15.16 9.54
N ARG B 78 5.12 -16.22 8.98
CA ARG B 78 5.65 -17.34 9.75
C ARG B 78 6.70 -16.90 10.77
N GLU B 79 7.63 -16.10 10.32
CA GLU B 79 8.73 -15.75 11.19
C GLU B 79 8.23 -14.85 12.36
N THR B 80 7.37 -13.89 12.05
CA THR B 80 6.84 -13.00 13.06
C THR B 80 6.03 -13.73 14.09
N GLU B 81 5.26 -14.71 13.66
CA GLU B 81 4.46 -15.54 14.58
C GLU B 81 5.33 -16.33 15.57
N ILE B 82 6.39 -16.93 15.05
CA ILE B 82 7.37 -17.63 15.88
C ILE B 82 7.93 -16.66 16.93
N TYR B 83 8.45 -15.53 16.49
CA TYR B 83 9.08 -14.55 17.41
C TYR B 83 8.07 -14.08 18.48
N GLN B 84 6.81 -13.97 18.09
CA GLN B 84 5.71 -13.55 19.00
C GLN B 84 5.14 -14.69 19.87
N THR B 85 5.61 -15.92 19.67
CA THR B 85 5.23 -17.07 20.52
C THR B 85 5.44 -16.74 22.00
N VAL B 86 4.56 -17.31 22.84
CA VAL B 86 4.60 -17.09 24.29
C VAL B 86 5.75 -17.87 24.87
N LEU B 87 6.50 -17.21 25.77
CA LEU B 87 7.60 -17.84 26.48
C LEU B 87 8.76 -18.13 25.49
N MET B 88 8.77 -17.42 24.37
CA MET B 88 9.78 -17.62 23.38
C MET B 88 10.99 -16.82 23.77
N ARG B 89 10.73 -15.66 24.38
CA ARG B 89 11.77 -14.68 24.71
C ARG B 89 12.85 -15.18 25.69
N HIS B 90 14.12 -14.90 25.39
CA HIS B 90 15.22 -15.58 26.04
C HIS B 90 16.49 -14.90 25.61
N GLU B 91 17.45 -14.76 26.51
CA GLU B 91 18.66 -13.96 26.26
C GLU B 91 19.50 -14.50 25.09
N ASN B 92 19.28 -15.76 24.71
CA ASN B 92 19.99 -16.36 23.59
C ASN B 92 19.15 -16.60 22.35
N ILE B 93 18.04 -15.87 22.26
CA ILE B 93 17.20 -15.79 21.07
C ILE B 93 17.12 -14.31 20.76
N LEU B 94 17.31 -13.95 19.50
CA LEU B 94 17.29 -12.55 19.08
C LEU B 94 16.01 -11.90 19.54
N GLY B 95 16.12 -10.73 20.14
CA GLY B 95 14.96 -10.02 20.67
C GLY B 95 14.12 -9.39 19.60
N PHE B 96 12.86 -9.75 19.63
CA PHE B 96 11.87 -9.21 18.73
C PHE B 96 11.35 -7.91 19.29
N ILE B 97 11.09 -6.96 18.39
CA ILE B 97 10.52 -5.68 18.78
C ILE B 97 9.15 -5.47 18.16
N ALA B 98 9.06 -5.60 16.83
CA ALA B 98 7.82 -5.25 16.11
C ALA B 98 7.83 -5.75 14.70
N ALA B 99 6.63 -5.87 14.16
CA ALA B 99 6.42 -6.13 12.75
C ALA B 99 5.48 -5.03 12.23
N ASP B 100 5.76 -4.48 11.05
CA ASP B 100 4.92 -3.40 10.51
C ASP B 100 5.06 -3.45 8.98
N ILE B 101 4.29 -2.61 8.30
CA ILE B 101 4.21 -2.61 6.85
C ILE B 101 4.31 -1.18 6.39
N LYS B 102 4.99 -0.98 5.26
CA LYS B 102 5.06 0.32 4.60
C LYS B 102 5.06 0.13 3.09
N GLY B 103 4.62 1.18 2.40
CA GLY B 103 4.81 1.30 0.98
C GLY B 103 3.58 0.88 0.24
N THR B 104 3.74 0.83 -1.08
CA THR B 104 2.61 0.72 -1.96
C THR B 104 2.75 -0.37 -3.06
N GLY B 105 1.69 -1.16 -3.22
CA GLY B 105 1.55 -2.17 -4.29
C GLY B 105 2.76 -3.09 -4.38
N SER B 106 3.36 -3.17 -5.57
CA SER B 106 4.44 -4.13 -5.85
C SER B 106 5.67 -3.80 -5.01
N TRP B 107 5.75 -2.55 -4.57
CA TRP B 107 6.83 -2.08 -3.74
C TRP B 107 6.50 -2.12 -2.22
N THR B 108 5.46 -2.85 -1.84
CA THR B 108 5.13 -2.96 -0.41
C THR B 108 6.27 -3.66 0.33
N GLN B 109 6.65 -3.12 1.50
CA GLN B 109 7.68 -3.72 2.32
C GLN B 109 7.13 -4.11 3.68
N LEU B 110 7.47 -5.32 4.08
CA LEU B 110 7.08 -5.93 5.33
C LEU B 110 8.27 -5.99 6.24
N TYR B 111 8.14 -5.37 7.39
CA TYR B 111 9.28 -5.25 8.29
C TYR B 111 9.15 -6.19 9.49
N LEU B 112 10.26 -6.81 9.85
CA LEU B 112 10.37 -7.58 11.05
C LEU B 112 11.52 -6.96 11.81
N ILE B 113 11.20 -6.29 12.91
CA ILE B 113 12.14 -5.38 13.59
C ILE B 113 12.64 -6.04 14.88
N THR B 114 13.96 -6.08 15.06
CA THR B 114 14.58 -6.77 16.19
C THR B 114 15.73 -5.95 16.82
N ASP B 115 16.27 -6.44 17.94
CA ASP B 115 17.51 -5.89 18.46
C ASP B 115 18.59 -5.90 17.36
N TYR B 116 19.48 -4.93 17.44
CA TYR B 116 20.65 -4.84 16.58
C TYR B 116 21.90 -5.13 17.43
N HIS B 117 22.79 -5.94 16.90
CA HIS B 117 24.04 -6.34 17.57
C HIS B 117 25.26 -5.92 16.73
N GLU B 118 25.98 -4.93 17.23
CA GLU B 118 27.03 -4.24 16.46
C GLU B 118 28.23 -5.13 16.14
N ASN B 119 28.44 -6.17 16.94
CA ASN B 119 29.45 -7.16 16.62
C ASN B 119 29.09 -8.05 15.44
N GLY B 120 27.83 -8.04 15.03
CA GLY B 120 27.43 -8.87 13.91
C GLY B 120 27.32 -10.35 14.27
N SER B 121 27.40 -11.20 13.26
CA SER B 121 27.17 -12.62 13.46
C SER B 121 28.42 -13.27 13.93
N LEU B 122 28.30 -14.52 14.31
CA LEU B 122 29.44 -15.32 14.71
C LEU B 122 30.45 -15.42 13.56
N TYR B 123 29.98 -15.48 12.32
CA TYR B 123 30.84 -15.51 11.14
C TYR B 123 31.70 -14.22 11.12
N ASP B 124 31.07 -13.07 11.36
CA ASP B 124 31.84 -11.79 11.37
C ASP B 124 32.82 -11.74 12.52
N TYR B 125 32.34 -12.15 13.70
CA TYR B 125 33.10 -11.99 14.94
C TYR B 125 34.37 -12.84 14.92
N LEU B 126 34.21 -14.09 14.50
CA LEU B 126 35.31 -15.05 14.39
C LEU B 126 36.36 -14.63 13.36
N LYS B 127 35.92 -13.96 12.29
CA LYS B 127 36.87 -13.41 11.36
C LYS B 127 37.58 -12.19 11.95
N SER B 128 36.94 -11.51 12.90
CA SER B 128 37.50 -10.29 13.46
C SER B 128 38.49 -10.53 14.59
N THR B 129 38.37 -11.64 15.31
CA THR B 129 39.19 -11.83 16.51
C THR B 129 39.48 -13.28 16.80
N THR B 130 40.52 -13.50 17.59
CA THR B 130 40.86 -14.85 18.02
C THR B 130 40.28 -14.95 19.42
N LEU B 131 40.20 -16.17 19.92
CA LEU B 131 39.58 -16.45 21.21
C LEU B 131 40.58 -17.13 22.20
N ASP B 132 40.26 -17.03 23.50
CA ASP B 132 40.80 -17.95 24.51
C ASP B 132 39.70 -18.93 24.93
N ALA B 133 40.04 -19.92 25.75
CA ALA B 133 39.11 -20.98 26.12
C ALA B 133 37.83 -20.39 26.71
N LYS B 134 37.98 -19.38 27.55
CA LYS B 134 36.84 -18.77 28.23
C LYS B 134 35.85 -18.11 27.22
N SER B 135 36.34 -17.33 26.26
CA SER B 135 35.47 -16.72 25.26
CA SER B 135 35.46 -16.72 25.28
C SER B 135 34.87 -17.78 24.35
N MET B 136 35.65 -18.77 23.97
CA MET B 136 35.14 -19.90 23.16
C MET B 136 33.93 -20.53 23.84
N LEU B 137 34.14 -20.90 25.10
CA LEU B 137 33.10 -21.61 25.84
C LEU B 137 31.88 -20.75 26.08
N LYS B 138 32.10 -19.45 26.28
CA LYS B 138 30.97 -18.53 26.46
C LYS B 138 30.11 -18.42 25.17
N LEU B 139 30.75 -18.37 23.99
CA LEU B 139 30.05 -18.34 22.70
C LEU B 139 29.33 -19.66 22.48
N ALA B 140 30.04 -20.76 22.68
CA ALA B 140 29.46 -22.10 22.48
C ALA B 140 28.28 -22.38 23.46
N TYR B 141 28.49 -22.12 24.76
CA TYR B 141 27.50 -22.40 25.78
C TYR B 141 26.27 -21.51 25.60
N SER B 142 26.48 -20.23 25.31
CA SER B 142 25.37 -19.35 25.10
C SER B 142 24.57 -19.74 23.87
N SER B 143 25.28 -20.02 22.77
CA SER B 143 24.59 -20.44 21.55
C SER B 143 23.77 -21.70 21.78
N VAL B 144 24.35 -22.70 22.46
CA VAL B 144 23.59 -23.97 22.65
C VAL B 144 22.47 -23.78 23.66
N SER B 145 22.61 -22.80 24.56
CA SER B 145 21.51 -22.53 25.50
C SER B 145 20.27 -22.01 24.75
N GLY B 146 20.50 -21.17 23.75
CA GLY B 146 19.42 -20.70 22.88
C GLY B 146 18.79 -21.84 22.12
N LEU B 147 19.61 -22.71 21.58
CA LEU B 147 19.09 -23.84 20.78
C LEU B 147 18.26 -24.76 21.64
N CYS B 148 18.79 -25.06 22.83
CA CYS B 148 18.10 -25.92 23.80
C CYS B 148 16.75 -25.34 24.19
N HIS B 149 16.71 -24.04 24.41
CA HIS B 149 15.46 -23.37 24.64
C HIS B 149 14.46 -23.54 23.49
N LEU B 150 14.93 -23.35 22.25
CA LEU B 150 14.07 -23.62 21.12
C LEU B 150 13.53 -25.04 21.18
N HIS B 151 14.43 -26.01 21.34
CA HIS B 151 14.05 -27.42 21.27
C HIS B 151 13.12 -27.87 22.37
N THR B 152 13.09 -27.14 23.49
CA THR B 152 12.39 -27.60 24.70
C THR B 152 11.01 -26.97 24.81
N GLU B 153 10.02 -27.86 24.83
CA GLU B 153 8.62 -27.47 25.09
C GLU B 153 8.45 -27.01 26.53
N ILE B 154 7.68 -25.94 26.71
CA ILE B 154 7.38 -25.38 28.03
C ILE B 154 5.87 -25.39 28.30
N PHE B 155 5.45 -26.07 29.36
CA PHE B 155 4.02 -26.12 29.71
C PHE B 155 3.59 -24.94 30.55
N SER B 156 2.54 -24.30 30.10
CA SER B 156 1.89 -23.26 30.89
C SER B 156 0.44 -23.25 30.44
N THR B 157 -0.36 -22.42 31.11
CA THR B 157 -1.69 -22.09 30.64
C THR B 157 -1.62 -21.77 29.11
N GLN B 158 -0.72 -20.85 28.73
CA GLN B 158 -0.33 -20.63 27.32
C GLN B 158 1.12 -21.13 27.12
N GLY B 159 1.29 -22.33 26.60
CA GLY B 159 2.62 -22.96 26.50
C GLY B 159 3.49 -22.61 25.29
N LYS B 160 4.75 -23.03 25.34
CA LYS B 160 5.67 -22.92 24.19
C LYS B 160 5.91 -24.31 23.59
N PRO B 161 5.71 -24.48 22.28
CA PRO B 161 5.98 -25.81 21.73
C PRO B 161 7.46 -25.97 21.48
N ALA B 162 7.87 -27.23 21.38
CA ALA B 162 9.20 -27.60 20.93
C ALA B 162 9.35 -27.05 19.55
N ILE B 163 10.47 -26.38 19.30
CA ILE B 163 10.73 -25.80 17.98
C ILE B 163 12.10 -26.24 17.44
N ALA B 164 12.16 -26.72 16.18
CA ALA B 164 13.43 -26.97 15.46
C ALA B 164 13.71 -25.81 14.52
N HIS B 165 14.96 -25.40 14.43
CA HIS B 165 15.34 -24.14 13.74
C HIS B 165 15.41 -24.29 12.22
N ARG B 166 16.20 -25.27 11.79
CA ARG B 166 16.29 -25.73 10.40
C ARG B 166 17.16 -24.92 9.47
N ASP B 167 17.84 -23.91 10.00
CA ASP B 167 18.71 -23.09 9.18
C ASP B 167 19.85 -22.57 9.98
N LEU B 168 20.42 -23.42 10.84
CA LEU B 168 21.50 -23.01 11.70
C LEU B 168 22.76 -22.87 10.87
N LYS B 169 23.44 -21.74 11.10
CA LYS B 169 24.75 -21.46 10.53
C LYS B 169 25.32 -20.32 11.31
N SER B 170 26.62 -20.08 11.16
CA SER B 170 27.30 -19.08 11.92
C SER B 170 26.79 -17.65 11.60
N LYS B 171 26.36 -17.45 10.36
CA LYS B 171 25.74 -16.18 9.97
C LYS B 171 24.38 -15.90 10.62
N ASN B 172 23.77 -16.90 11.22
CA ASN B 172 22.46 -16.75 11.88
C ASN B 172 22.48 -16.70 13.41
N ILE B 173 23.67 -16.57 13.97
CA ILE B 173 23.87 -16.36 15.38
C ILE B 173 24.62 -15.05 15.57
N LEU B 174 24.03 -14.18 16.38
CA LEU B 174 24.65 -12.88 16.70
C LEU B 174 25.48 -12.93 17.96
N VAL B 175 26.54 -12.11 17.99
CA VAL B 175 27.35 -11.95 19.20
C VAL B 175 27.03 -10.61 19.84
N LYS B 176 26.56 -10.65 21.07
CA LYS B 176 26.23 -9.41 21.78
C LYS B 176 27.46 -8.69 22.34
N LYS B 177 27.22 -7.51 22.91
CA LYS B 177 28.29 -6.72 23.47
C LYS B 177 29.00 -7.50 24.60
N ASN B 178 28.24 -8.27 25.40
CA ASN B 178 28.83 -9.04 26.50
C ASN B 178 29.50 -10.37 26.11
N GLY B 179 29.73 -10.61 24.82
CA GLY B 179 30.41 -11.84 24.42
C GLY B 179 29.59 -13.13 24.37
N THR B 180 28.27 -13.01 24.59
CA THR B 180 27.35 -14.14 24.46
C THR B 180 26.55 -14.05 23.16
N CYS B 181 25.92 -15.16 22.78
CA CYS B 181 25.28 -15.28 21.48
C CYS B 181 23.76 -15.33 21.58
N CYS B 182 23.11 -14.96 20.48
CA CYS B 182 21.70 -15.21 20.33
C CYS B 182 21.42 -15.66 18.92
N ILE B 183 20.44 -16.58 18.81
CA ILE B 183 20.03 -17.18 17.54
C ILE B 183 18.96 -16.35 16.81
N ALA B 184 19.12 -16.19 15.48
CA ALA B 184 18.15 -15.48 14.65
C ALA B 184 17.73 -16.34 13.45
N ASP B 185 16.85 -15.78 12.63
CA ASP B 185 16.40 -16.36 11.35
C ASP B 185 15.52 -17.58 11.57
N LEU B 186 14.29 -17.30 12.03
CA LEU B 186 13.37 -18.34 12.46
C LEU B 186 12.31 -18.68 11.43
N GLY B 187 12.48 -18.16 10.21
CA GLY B 187 11.55 -18.38 9.13
C GLY B 187 11.37 -19.78 8.60
N LEU B 188 12.34 -20.66 8.76
CA LEU B 188 12.13 -22.04 8.40
C LEU B 188 11.80 -22.89 9.63
N ALA B 189 11.68 -22.28 10.82
CA ALA B 189 11.49 -23.06 12.04
C ALA B 189 10.18 -23.89 11.99
N VAL B 190 10.21 -25.06 12.56
CA VAL B 190 9.00 -25.92 12.66
C VAL B 190 8.63 -26.15 14.13
N LYS B 191 7.33 -26.01 14.44
CA LYS B 191 6.75 -26.19 15.78
CA LYS B 191 6.75 -26.20 15.78
C LYS B 191 6.14 -27.59 15.94
N PHE B 192 6.26 -28.20 17.13
CA PHE B 192 5.62 -29.52 17.36
C PHE B 192 4.10 -29.39 17.61
N ILE B 193 3.32 -30.16 16.83
CA ILE B 193 1.85 -29.98 16.71
C ILE B 193 1.06 -31.07 17.46
N ILE B 201 -0.64 -30.13 6.55
CA ILE B 201 0.46 -29.66 5.71
C ILE B 201 1.80 -29.87 6.43
N PRO B 202 2.45 -31.01 6.20
CA PRO B 202 3.81 -31.14 6.77
C PRO B 202 4.84 -30.32 5.94
N PRO B 203 5.92 -29.86 6.59
CA PRO B 203 6.89 -28.98 5.94
C PRO B 203 7.75 -29.70 4.89
N ASN B 204 8.24 -28.96 3.88
CA ASN B 204 9.18 -29.50 2.88
C ASN B 204 10.53 -29.77 3.52
N THR B 205 11.12 -30.92 3.21
CA THR B 205 12.35 -31.40 3.91
C THR B 205 13.58 -30.57 3.54
N ARG B 206 13.85 -30.43 2.25
CA ARG B 206 15.09 -29.83 1.80
C ARG B 206 14.99 -28.30 1.69
N VAL B 207 15.17 -27.67 2.84
CA VAL B 207 15.22 -26.21 2.93
C VAL B 207 16.43 -25.86 3.79
N GLY B 208 16.89 -24.63 3.66
CA GLY B 208 18.00 -24.14 4.50
C GLY B 208 19.30 -23.93 3.76
N THR B 209 20.41 -23.85 4.50
CA THR B 209 21.72 -23.58 3.89
C THR B 209 22.40 -24.90 3.59
N LYS B 210 22.65 -25.15 2.32
CA LYS B 210 23.13 -26.45 1.84
C LYS B 210 24.39 -26.98 2.55
N ARG B 211 25.34 -26.07 2.77
CA ARG B 211 26.59 -26.37 3.44
C ARG B 211 26.42 -26.95 4.82
N TYR B 212 25.34 -26.59 5.53
CA TYR B 212 25.12 -27.13 6.87
C TYR B 212 24.03 -28.23 6.94
N MET B 213 23.55 -28.69 5.79
CA MET B 213 22.47 -29.70 5.77
C MET B 213 23.07 -31.04 6.15
N PRO B 214 22.44 -31.73 7.10
CA PRO B 214 22.92 -33.08 7.46
C PRO B 214 22.60 -34.06 6.32
N PRO B 215 23.23 -35.21 6.31
CA PRO B 215 23.05 -36.14 5.17
C PRO B 215 21.60 -36.45 4.84
N GLU B 216 20.77 -36.63 5.87
CA GLU B 216 19.38 -37.03 5.70
C GLU B 216 18.49 -35.92 5.13
N VAL B 217 18.97 -34.67 5.21
CA VAL B 217 18.28 -33.54 4.57
C VAL B 217 18.75 -33.42 3.12
N LEU B 218 20.05 -33.60 2.93
CA LEU B 218 20.63 -33.60 1.60
C LEU B 218 19.97 -34.60 0.65
N ASP B 219 19.70 -35.82 1.12
CA ASP B 219 19.18 -36.91 0.27
C ASP B 219 17.70 -37.19 0.47
N GLU B 220 17.06 -36.32 1.24
CA GLU B 220 15.63 -36.35 1.48
C GLU B 220 15.11 -37.59 2.22
N SER B 221 15.99 -38.32 2.91
CA SER B 221 15.59 -39.49 3.69
C SER B 221 15.14 -39.10 5.09
N LEU B 222 15.20 -37.81 5.44
CA LEU B 222 14.70 -37.35 6.74
C LEU B 222 13.28 -37.85 7.00
N ASN B 223 13.06 -38.43 8.17
CA ASN B 223 11.77 -39.03 8.51
C ASN B 223 10.77 -37.96 8.96
N ARG B 224 9.82 -37.58 8.11
CA ARG B 224 8.85 -36.53 8.50
C ARG B 224 7.76 -37.02 9.44
N ASN B 225 7.69 -38.33 9.68
CA ASN B 225 6.73 -38.86 10.65
C ASN B 225 7.03 -38.48 12.11
N HIS B 226 8.26 -38.02 12.34
CA HIS B 226 8.69 -37.62 13.66
C HIS B 226 9.27 -36.21 13.72
N PHE B 227 8.63 -35.36 14.53
CA PHE B 227 9.17 -34.04 14.81
C PHE B 227 10.65 -34.11 15.22
N GLN B 228 10.99 -35.12 16.02
CA GLN B 228 12.37 -35.31 16.48
C GLN B 228 13.42 -35.29 15.38
N SER B 229 13.03 -35.66 14.16
CA SER B 229 13.98 -35.66 13.06
C SER B 229 14.58 -34.27 12.87
N TYR B 230 13.78 -33.22 13.08
CA TYR B 230 14.18 -31.85 12.77
C TYR B 230 15.16 -31.37 13.83
N ILE B 231 14.92 -31.82 15.05
CA ILE B 231 15.73 -31.50 16.18
C ILE B 231 17.11 -32.14 16.06
N MET B 232 17.11 -33.38 15.64
CA MET B 232 18.35 -34.09 15.46
C MET B 232 19.13 -33.50 14.27
N ALA B 233 18.40 -33.00 13.27
CA ALA B 233 19.05 -32.36 12.13
C ALA B 233 19.75 -31.08 12.63
N ASP B 234 19.07 -30.32 13.47
CA ASP B 234 19.69 -29.12 14.02
C ASP B 234 21.06 -29.46 14.66
N MET B 235 21.18 -30.57 15.39
CA MET B 235 22.40 -30.82 16.14
C MET B 235 23.63 -31.15 15.26
N TYR B 236 23.43 -31.75 14.12
CA TYR B 236 24.50 -31.87 13.12
C TYR B 236 25.00 -30.48 12.73
N SER B 237 24.07 -29.59 12.43
CA SER B 237 24.42 -28.30 11.95
C SER B 237 25.15 -27.59 13.10
N PHE B 238 24.68 -27.74 14.32
CA PHE B 238 25.34 -27.06 15.43
C PHE B 238 26.78 -27.57 15.65
N GLY B 239 27.00 -28.84 15.38
CA GLY B 239 28.33 -29.40 15.51
C GLY B 239 29.31 -28.71 14.58
N LEU B 240 28.89 -28.44 13.35
CA LEU B 240 29.72 -27.68 12.40
C LEU B 240 30.08 -26.29 12.93
N ILE B 241 29.13 -25.61 13.57
CA ILE B 241 29.39 -24.31 14.16
C ILE B 241 30.41 -24.40 15.28
N LEU B 242 30.34 -25.44 16.12
CA LEU B 242 31.34 -25.63 17.18
C LEU B 242 32.73 -25.69 16.57
N TRP B 243 32.87 -26.42 15.48
CA TRP B 243 34.14 -26.47 14.75
C TRP B 243 34.59 -25.08 14.33
N GLU B 244 33.70 -24.26 13.76
CA GLU B 244 34.08 -22.93 13.32
C GLU B 244 34.68 -22.11 14.45
N VAL B 245 34.06 -22.20 15.61
CA VAL B 245 34.43 -21.41 16.78
C VAL B 245 35.75 -21.95 17.37
N ALA B 246 35.86 -23.26 17.47
CA ALA B 246 37.05 -23.87 18.11
C ALA B 246 38.35 -23.55 17.36
N ARG B 247 38.28 -23.49 16.04
CA ARG B 247 39.44 -23.21 15.25
C ARG B 247 40.03 -21.88 15.66
N ARG B 248 39.19 -20.98 16.18
CA ARG B 248 39.67 -19.62 16.51
C ARG B 248 40.18 -19.44 17.93
N CYS B 249 40.21 -20.54 18.70
CA CYS B 249 40.69 -20.54 20.07
C CYS B 249 42.17 -20.79 20.01
N VAL B 250 42.94 -19.84 20.52
CA VAL B 250 44.38 -19.96 20.53
C VAL B 250 44.80 -21.00 21.59
N SER B 251 45.75 -21.86 21.24
CA SER B 251 46.44 -22.73 22.20
C SER B 251 47.91 -22.86 21.76
N GLY B 252 48.82 -22.83 22.72
CA GLY B 252 50.24 -22.95 22.39
C GLY B 252 50.68 -21.87 21.43
N GLY B 253 50.17 -20.65 21.62
CA GLY B 253 50.48 -19.52 20.76
C GLY B 253 50.04 -19.62 19.31
N ILE B 254 49.30 -20.67 18.98
CA ILE B 254 48.87 -20.97 17.61
C ILE B 254 47.33 -21.00 17.46
N VAL B 255 46.86 -20.56 16.30
CA VAL B 255 45.43 -20.41 16.00
C VAL B 255 45.24 -20.54 14.49
N GLU B 256 44.10 -21.07 14.05
CA GLU B 256 43.77 -21.18 12.62
C GLU B 256 43.09 -19.92 12.11
N GLU B 257 43.13 -19.71 10.80
CA GLU B 257 42.40 -18.59 10.22
C GLU B 257 40.94 -18.99 10.13
N TYR B 258 40.04 -18.03 10.20
CA TYR B 258 38.60 -18.37 10.10
C TYR B 258 38.29 -19.13 8.81
N GLN B 259 37.54 -20.22 8.94
CA GLN B 259 36.99 -20.89 7.76
C GLN B 259 35.57 -21.41 8.06
N LEU B 260 34.76 -21.45 7.00
CA LEU B 260 33.49 -22.16 7.01
C LEU B 260 33.73 -23.68 6.96
N PRO B 261 32.78 -24.46 7.47
CA PRO B 261 32.95 -25.89 7.38
C PRO B 261 32.92 -26.38 5.98
N TYR B 262 33.82 -27.30 5.67
CA TYR B 262 34.00 -27.89 4.33
C TYR B 262 34.65 -26.97 3.30
N HIS B 263 35.31 -25.94 3.80
CA HIS B 263 35.97 -24.93 2.97
C HIS B 263 36.96 -25.55 2.00
N ASP B 264 37.64 -26.61 2.44
CA ASP B 264 38.67 -27.24 1.65
C ASP B 264 38.12 -28.33 0.72
N LEU B 265 36.83 -28.65 0.86
CA LEU B 265 36.24 -29.79 0.12
C LEU B 265 35.18 -29.37 -0.89
N VAL B 266 34.61 -28.18 -0.75
CA VAL B 266 33.60 -27.71 -1.71
C VAL B 266 33.82 -26.26 -2.07
N PRO B 267 33.27 -25.84 -3.23
CA PRO B 267 33.27 -24.44 -3.58
C PRO B 267 32.33 -23.62 -2.69
N SER B 268 32.56 -22.32 -2.64
CA SER B 268 31.62 -21.38 -2.03
C SER B 268 30.27 -21.55 -2.72
N ASP B 269 29.20 -21.27 -1.96
CA ASP B 269 27.83 -21.49 -2.42
C ASP B 269 27.69 -22.90 -3.02
N PRO B 270 28.00 -23.93 -2.23
CA PRO B 270 28.02 -25.29 -2.77
C PRO B 270 26.63 -25.78 -3.13
N SER B 271 26.58 -26.65 -4.13
CA SER B 271 25.34 -27.22 -4.62
C SER B 271 24.95 -28.50 -3.87
N TYR B 272 23.72 -28.95 -4.08
CA TYR B 272 23.30 -30.23 -3.55
C TYR B 272 24.25 -31.34 -3.98
N GLU B 273 24.61 -31.37 -5.26
CA GLU B 273 25.50 -32.43 -5.77
C GLU B 273 26.85 -32.42 -5.04
N ASP B 274 27.42 -31.24 -4.83
CA ASP B 274 28.70 -31.05 -4.15
C ASP B 274 28.65 -31.61 -2.73
N MET B 275 27.61 -31.20 -2.00
CA MET B 275 27.40 -31.61 -0.62
C MET B 275 27.05 -33.09 -0.51
N ARG B 276 26.14 -33.58 -1.35
CA ARG B 276 25.79 -35.02 -1.31
C ARG B 276 27.00 -35.92 -1.46
N GLU B 277 27.92 -35.53 -2.33
CA GLU B 277 29.12 -36.31 -2.54
C GLU B 277 29.97 -36.37 -1.24
N ILE B 278 30.19 -35.22 -0.62
CA ILE B 278 31.13 -35.12 0.49
C ILE B 278 30.55 -35.72 1.78
N VAL B 279 29.28 -35.43 2.02
CA VAL B 279 28.61 -35.72 3.30
C VAL B 279 27.74 -37.01 3.27
N CYS B 280 27.03 -37.26 2.18
CA CYS B 280 26.16 -38.45 2.08
C CYS B 280 26.90 -39.70 1.61
N ILE B 281 27.81 -39.53 0.65
CA ILE B 281 28.50 -40.68 0.02
C ILE B 281 29.83 -41.01 0.66
N LYS B 282 30.79 -40.10 0.57
CA LYS B 282 32.09 -40.26 1.23
C LYS B 282 32.01 -40.08 2.75
N LYS B 283 30.90 -39.51 3.23
CA LYS B 283 30.68 -39.28 4.66
C LYS B 283 31.85 -38.60 5.41
N LEU B 284 32.50 -37.63 4.75
CA LEU B 284 33.57 -36.83 5.37
C LEU B 284 33.01 -35.78 6.36
N ARG B 285 33.88 -35.30 7.24
CA ARG B 285 33.53 -34.25 8.19
C ARG B 285 34.69 -33.27 8.25
N PRO B 286 34.49 -32.07 8.82
CA PRO B 286 35.60 -31.13 8.91
C PRO B 286 36.72 -31.72 9.72
N SER B 287 37.96 -31.46 9.31
CA SER B 287 39.13 -32.06 9.96
CA SER B 287 39.13 -32.06 9.95
C SER B 287 39.58 -31.20 11.12
N PHE B 288 40.17 -31.84 12.12
CA PHE B 288 40.68 -31.22 13.31
C PHE B 288 42.17 -30.91 13.13
N PRO B 289 42.58 -29.66 13.33
CA PRO B 289 43.98 -29.33 13.37
C PRO B 289 44.74 -30.15 14.43
N ASN B 290 45.96 -30.57 14.08
CA ASN B 290 46.80 -31.40 14.93
C ASN B 290 47.01 -30.80 16.32
N ARG B 291 47.23 -29.49 16.38
CA ARG B 291 47.43 -28.82 17.67
C ARG B 291 46.30 -29.07 18.70
N TRP B 292 45.08 -29.36 18.25
CA TRP B 292 43.99 -29.66 19.19
C TRP B 292 44.33 -30.85 20.13
N SER B 293 45.08 -31.82 19.63
CA SER B 293 45.33 -33.01 20.45
C SER B 293 46.33 -32.77 21.58
N SER B 294 46.98 -31.60 21.57
CA SER B 294 47.89 -31.18 22.62
C SER B 294 47.22 -30.40 23.78
N ASP B 295 45.90 -30.17 23.72
CA ASP B 295 45.20 -29.32 24.71
C ASP B 295 43.95 -30.04 25.16
N GLU B 296 43.79 -30.25 26.46
CA GLU B 296 42.65 -31.05 26.88
C GLU B 296 41.29 -30.44 26.54
N CYS B 297 41.19 -29.12 26.64
CA CYS B 297 39.94 -28.42 26.34
C CYS B 297 39.55 -28.60 24.88
N LEU B 298 40.49 -28.37 23.96
CA LEU B 298 40.20 -28.51 22.55
C LEU B 298 39.96 -29.96 22.16
N ARG B 299 40.65 -30.89 22.83
CA ARG B 299 40.37 -32.33 22.65
C ARG B 299 38.90 -32.65 22.95
N GLN B 300 38.42 -32.13 24.07
CA GLN B 300 37.03 -32.26 24.45
C GLN B 300 36.08 -31.56 23.47
N MET B 301 36.48 -30.42 22.93
CA MET B 301 35.61 -29.74 21.98
C MET B 301 35.49 -30.59 20.73
N GLY B 302 36.61 -31.15 20.28
CA GLY B 302 36.63 -32.08 19.16
C GLY B 302 35.70 -33.27 19.32
N LYS B 303 35.71 -33.87 20.50
CA LYS B 303 34.86 -35.02 20.81
C LYS B 303 33.39 -34.61 20.76
N LEU B 304 33.09 -33.42 21.28
CA LEU B 304 31.73 -32.91 21.30
C LEU B 304 31.19 -32.68 19.88
N MET B 305 32.02 -32.13 18.99
CA MET B 305 31.66 -31.95 17.57
C MET B 305 31.32 -33.25 16.91
N THR B 306 32.21 -34.21 17.07
CA THR B 306 32.07 -35.53 16.46
C THR B 306 30.75 -36.13 16.86
N GLU B 307 30.41 -35.99 18.14
CA GLU B 307 29.22 -36.64 18.66
C GLU B 307 27.94 -35.91 18.26
N CYS B 308 28.07 -34.64 17.84
CA CYS B 308 26.96 -33.85 17.31
C CYS B 308 26.66 -34.17 15.89
N TRP B 309 27.70 -34.44 15.10
CA TRP B 309 27.55 -34.59 13.65
C TRP B 309 27.63 -36.03 13.10
N ALA B 310 27.36 -37.01 13.94
CA ALA B 310 27.34 -38.43 13.52
C ALA B 310 26.31 -38.62 12.40
N HIS B 311 26.61 -39.55 11.51
CA HIS B 311 25.73 -39.86 10.36
C HIS B 311 24.31 -40.23 10.81
N ASN B 312 24.23 -41.06 11.84
CA ASN B 312 22.94 -41.56 12.33
C ASN B 312 22.36 -40.55 13.32
N PRO B 313 21.25 -39.91 12.95
CA PRO B 313 20.60 -38.91 13.79
C PRO B 313 20.39 -39.33 15.24
N ALA B 314 20.04 -40.59 15.46
CA ALA B 314 19.76 -41.09 16.81
C ALA B 314 21.02 -41.16 17.67
N SER B 315 22.18 -41.21 17.03
CA SER B 315 23.44 -41.22 17.76
C SER B 315 23.94 -39.77 18.17
N ARG B 316 23.35 -38.74 17.58
CA ARG B 316 23.78 -37.38 17.88
C ARG B 316 23.44 -36.99 19.34
N LEU B 317 24.30 -36.19 19.96
CA LEU B 317 23.99 -35.62 21.25
C LEU B 317 22.81 -34.67 21.12
N THR B 318 22.10 -34.49 22.25
CA THR B 318 20.99 -33.56 22.35
C THR B 318 21.54 -32.22 22.77
N ALA B 319 20.80 -31.16 22.49
CA ALA B 319 21.24 -29.81 22.82
C ALA B 319 21.46 -29.74 24.30
N LEU B 320 20.54 -30.36 25.08
CA LEU B 320 20.66 -30.38 26.52
C LEU B 320 21.96 -31.05 26.96
N ARG B 321 22.30 -32.20 26.36
CA ARG B 321 23.56 -32.87 26.71
C ARG B 321 24.74 -31.94 26.38
N VAL B 322 24.69 -31.30 25.23
CA VAL B 322 25.82 -30.42 24.81
C VAL B 322 25.97 -29.23 25.78
N LYS B 323 24.83 -28.62 26.12
CA LYS B 323 24.76 -27.59 27.16
C LYS B 323 25.42 -28.04 28.47
N LYS B 324 25.02 -29.20 28.96
CA LYS B 324 25.59 -29.74 30.20
C LYS B 324 27.11 -30.00 30.07
N THR B 325 27.55 -30.53 28.94
CA THR B 325 28.97 -30.83 28.70
C THR B 325 29.78 -29.52 28.72
N LEU B 326 29.31 -28.54 27.96
CA LEU B 326 29.98 -27.23 27.97
C LEU B 326 29.96 -26.54 29.34
N ALA B 327 28.88 -26.75 30.09
CA ALA B 327 28.84 -26.20 31.46
C ALA B 327 29.94 -26.82 32.30
N LYS B 328 30.06 -28.14 32.25
CA LYS B 328 31.09 -28.88 32.98
C LYS B 328 32.49 -28.43 32.54
N MET B 329 32.71 -28.22 31.24
CA MET B 329 34.01 -27.72 30.75
C MET B 329 34.31 -26.31 31.28
N SER B 330 33.30 -25.45 31.31
CA SER B 330 33.43 -24.10 31.87
C SER B 330 33.86 -24.09 33.32
N GLU B 331 33.14 -24.83 34.16
CA GLU B 331 33.43 -24.84 35.59
C GLU B 331 34.72 -25.65 35.89
N SER B 332 35.18 -26.41 34.90
CA SER B 332 36.38 -27.25 35.02
C SER B 332 37.65 -26.43 34.72
N GLN B 333 37.46 -25.14 34.51
CA GLN B 333 38.55 -24.22 34.22
C GLN B 333 38.33 -22.97 35.05
N ASP B 334 37.35 -23.06 35.95
CA ASP B 334 37.01 -21.98 36.86
C ASP B 334 36.41 -20.75 36.16
N ILE B 335 35.66 -21.00 35.08
CA ILE B 335 35.02 -19.97 34.25
C ILE B 335 33.49 -20.13 34.14
N SER C 1 13.83 -15.22 -9.39
CA SER C 1 12.38 -15.15 -9.07
C SER C 1 11.56 -15.69 -10.25
N MET C 2 10.60 -16.56 -9.96
CA MET C 2 9.60 -17.00 -10.96
C MET C 2 8.58 -15.88 -11.26
N GLY C 3 8.50 -14.87 -10.38
CA GLY C 3 7.68 -13.68 -10.62
C GLY C 3 8.04 -12.85 -11.85
N VAL C 4 9.33 -12.74 -12.16
CA VAL C 4 9.82 -11.97 -13.29
C VAL C 4 10.71 -12.87 -14.19
N GLN C 5 10.12 -13.42 -15.25
CA GLN C 5 10.88 -14.21 -16.25
C GLN C 5 11.45 -13.27 -17.34
N VAL C 6 12.73 -13.45 -17.65
CA VAL C 6 13.41 -12.64 -18.68
C VAL C 6 13.95 -13.50 -19.81
N GLU C 7 13.30 -13.41 -20.98
CA GLU C 7 13.73 -14.13 -22.19
C GLU C 7 14.32 -13.14 -23.21
N THR C 8 15.61 -13.29 -23.50
CA THR C 8 16.27 -12.41 -24.47
C THR C 8 15.68 -12.62 -25.87
N ILE C 9 15.48 -11.53 -26.58
CA ILE C 9 15.05 -11.55 -27.98
C ILE C 9 16.27 -11.18 -28.83
N SER C 10 16.98 -10.14 -28.42
CA SER C 10 18.17 -9.69 -29.11
C SER C 10 19.22 -9.27 -28.08
N PRO C 11 20.47 -9.73 -28.24
CA PRO C 11 21.45 -9.45 -27.18
C PRO C 11 21.90 -8.00 -27.16
N GLY C 12 22.31 -7.54 -25.98
CA GLY C 12 22.95 -6.23 -25.83
C GLY C 12 24.46 -6.40 -25.79
N ASP C 13 25.18 -5.34 -25.41
CA ASP C 13 26.65 -5.32 -25.40
C ASP C 13 27.25 -6.17 -24.30
N GLY C 14 26.40 -6.65 -23.40
CA GLY C 14 26.80 -7.54 -22.32
C GLY C 14 27.74 -6.96 -21.26
N ARG C 15 27.91 -5.64 -21.24
CA ARG C 15 28.84 -5.01 -20.30
C ARG C 15 28.33 -3.72 -19.67
N THR C 16 27.55 -2.92 -20.38
CA THR C 16 27.00 -1.69 -19.81
C THR C 16 25.64 -1.98 -19.15
N PHE C 17 25.65 -2.04 -17.81
CA PHE C 17 24.47 -2.38 -17.03
C PHE C 17 23.99 -1.24 -16.13
N PRO C 18 22.67 -1.11 -15.99
CA PRO C 18 22.10 -0.05 -15.18
C PRO C 18 22.49 -0.17 -13.71
N LYS C 19 23.04 0.91 -13.17
CA LYS C 19 23.38 0.98 -11.75
C LYS C 19 22.27 1.75 -11.07
N ARG C 20 22.05 1.49 -9.78
CA ARG C 20 21.11 2.29 -9.03
C ARG C 20 21.41 3.77 -9.25
N GLY C 21 20.39 4.57 -9.58
CA GLY C 21 20.55 6.03 -9.75
C GLY C 21 20.72 6.50 -11.20
N GLN C 22 20.95 5.58 -12.12
CA GLN C 22 21.04 5.93 -13.54
C GLN C 22 19.67 5.92 -14.18
N THR C 23 19.45 6.84 -15.12
CA THR C 23 18.21 6.88 -15.90
C THR C 23 18.29 5.90 -17.06
N CYS C 24 17.43 4.88 -17.03
CA CYS C 24 17.26 3.95 -18.16
C CYS C 24 16.34 4.57 -19.18
N VAL C 25 16.77 4.53 -20.44
CA VAL C 25 15.95 4.95 -21.58
C VAL C 25 15.56 3.66 -22.34
N VAL C 26 14.25 3.39 -22.44
CA VAL C 26 13.79 2.17 -23.08
C VAL C 26 12.72 2.44 -24.13
N HIS C 27 12.52 1.44 -24.99
CA HIS C 27 11.31 1.32 -25.79
C HIS C 27 10.59 0.06 -25.31
N TYR C 28 9.26 0.13 -25.21
CA TYR C 28 8.54 -0.98 -24.68
C TYR C 28 7.20 -1.13 -25.35
N THR C 29 6.70 -2.36 -25.36
CA THR C 29 5.32 -2.64 -25.63
C THR C 29 4.81 -3.53 -24.49
N GLY C 30 3.67 -3.15 -23.93
CA GLY C 30 3.03 -3.90 -22.85
C GLY C 30 1.73 -4.57 -23.28
N MET C 31 1.60 -5.86 -22.97
CA MET C 31 0.44 -6.68 -23.33
C MET C 31 -0.04 -7.48 -22.13
N LEU C 32 -1.34 -7.75 -22.14
CA LEU C 32 -1.92 -8.74 -21.25
C LEU C 32 -1.50 -10.13 -21.72
N GLU C 33 -1.85 -11.13 -20.90
CA GLU C 33 -1.46 -12.51 -21.13
C GLU C 33 -2.12 -13.05 -22.39
N ASP C 34 -3.28 -12.53 -22.74
CA ASP C 34 -4.00 -12.92 -23.95
C ASP C 34 -3.41 -12.33 -25.24
N GLY C 35 -2.61 -11.26 -25.10
CA GLY C 35 -2.00 -10.59 -26.26
C GLY C 35 -2.47 -9.16 -26.53
N LYS C 36 -3.57 -8.72 -25.91
CA LYS C 36 -4.03 -7.34 -26.08
C LYS C 36 -3.01 -6.35 -25.54
N LYS C 37 -2.61 -5.45 -26.43
CA LYS C 37 -1.63 -4.44 -26.13
C LYS C 37 -2.34 -3.36 -25.35
N PHE C 38 -1.66 -2.76 -24.36
CA PHE C 38 -2.23 -1.64 -23.58
C PHE C 38 -1.38 -0.36 -23.54
N ASP C 39 -0.11 -0.43 -23.95
CA ASP C 39 0.78 0.73 -23.96
C ASP C 39 1.96 0.38 -24.82
N SER C 40 2.46 1.35 -25.58
CA SER C 40 3.66 1.16 -26.36
C SER C 40 4.32 2.48 -26.63
N SER C 41 5.55 2.64 -26.16
CA SER C 41 6.34 3.84 -26.42
C SER C 41 6.76 3.91 -27.90
N ARG C 42 6.75 2.74 -28.56
CA ARG C 42 7.14 2.67 -29.98
C ARG C 42 6.04 3.27 -30.84
N ASP C 43 4.77 3.08 -30.45
CA ASP C 43 3.65 3.68 -31.17
C ASP C 43 3.62 5.21 -31.10
N ARG C 44 4.22 5.81 -30.09
CA ARG C 44 4.33 7.27 -30.02
C ARG C 44 5.73 7.76 -30.31
N ASN C 45 6.60 6.84 -30.74
CA ASN C 45 7.93 7.20 -31.19
CA ASN C 45 7.93 7.19 -31.19
C ASN C 45 8.65 8.09 -30.19
N LYS C 46 8.49 7.78 -28.90
CA LYS C 46 9.20 8.52 -27.86
C LYS C 46 9.65 7.50 -26.83
N PRO C 47 10.96 7.35 -26.63
CA PRO C 47 11.40 6.44 -25.60
C PRO C 47 10.95 6.89 -24.21
N PHE C 48 10.89 5.95 -23.29
CA PHE C 48 10.42 6.17 -21.93
C PHE C 48 11.62 6.06 -21.05
N LYS C 49 11.72 7.00 -20.10
CA LYS C 49 12.82 7.09 -19.15
C LYS C 49 12.36 6.84 -17.71
N PHE C 50 13.16 6.08 -16.97
CA PHE C 50 12.96 5.94 -15.53
C PHE C 50 14.28 5.71 -14.83
N MET C 51 14.35 6.11 -13.56
CA MET C 51 15.55 5.95 -12.74
C MET C 51 15.46 4.70 -11.87
N LEU C 52 16.41 3.80 -12.07
CA LEU C 52 16.54 2.61 -11.24
C LEU C 52 16.59 3.05 -9.78
N GLY C 53 15.77 2.42 -8.96
CA GLY C 53 15.81 2.61 -7.51
C GLY C 53 14.90 3.69 -6.94
N LYS C 54 14.26 4.47 -7.81
CA LYS C 54 13.26 5.46 -7.36
C LYS C 54 11.85 4.89 -7.23
N GLN C 55 11.64 3.66 -7.69
CA GLN C 55 10.32 3.00 -7.60
C GLN C 55 9.21 3.75 -8.39
N GLU C 56 9.61 4.36 -9.50
CA GLU C 56 8.70 5.06 -10.42
C GLU C 56 7.86 4.05 -11.20
N VAL C 57 8.44 2.87 -11.45
CA VAL C 57 7.79 1.81 -12.20
C VAL C 57 7.58 0.56 -11.37
N ILE C 58 6.63 -0.32 -11.79
CA ILE C 58 6.37 -1.54 -11.09
C ILE C 58 7.70 -2.32 -10.80
N ARG C 59 7.71 -3.03 -9.68
CA ARG C 59 8.91 -3.72 -9.24
C ARG C 59 9.46 -4.70 -10.28
N GLY C 60 8.58 -5.44 -10.96
CA GLY C 60 9.01 -6.34 -12.03
C GLY C 60 9.85 -5.67 -13.12
N TRP C 61 9.47 -4.44 -13.47
CA TRP C 61 10.23 -3.64 -14.43
C TRP C 61 11.63 -3.36 -13.94
N GLU C 62 11.74 -2.82 -12.74
CA GLU C 62 13.06 -2.50 -12.24
C GLU C 62 13.93 -3.75 -12.11
N GLU C 63 13.29 -4.85 -11.72
CA GLU C 63 13.98 -6.11 -11.58
C GLU C 63 14.36 -6.73 -12.93
N GLY C 64 13.49 -6.62 -13.92
CA GLY C 64 13.79 -7.16 -15.26
C GLY C 64 14.86 -6.36 -15.96
N VAL C 65 14.70 -5.04 -15.97
CA VAL C 65 15.57 -4.14 -16.72
C VAL C 65 16.97 -4.05 -16.09
N ALA C 66 17.05 -4.09 -14.76
CA ALA C 66 18.34 -4.00 -14.05
C ALA C 66 19.29 -5.07 -14.53
N GLN C 67 18.76 -6.24 -14.88
CA GLN C 67 19.60 -7.31 -15.39
C GLN C 67 19.77 -7.32 -16.95
N MET C 68 19.63 -6.16 -17.58
CA MET C 68 19.75 -6.04 -19.04
CA MET C 68 19.74 -6.02 -19.05
C MET C 68 20.92 -5.16 -19.46
N SER C 69 21.45 -5.46 -20.64
CA SER C 69 22.63 -4.82 -21.19
C SER C 69 22.16 -3.67 -22.07
N VAL C 70 22.87 -2.54 -22.16
CA VAL C 70 22.59 -1.52 -23.19
C VAL C 70 22.59 -2.19 -24.55
N GLY C 71 21.48 -2.05 -25.28
CA GLY C 71 21.31 -2.63 -26.61
C GLY C 71 20.48 -3.88 -26.59
N GLN C 72 20.26 -4.46 -25.41
CA GLN C 72 19.51 -5.70 -25.27
C GLN C 72 18.00 -5.50 -25.41
N ARG C 73 17.33 -6.54 -25.91
CA ARG C 73 15.89 -6.56 -25.99
C ARG C 73 15.38 -7.88 -25.46
N ALA C 74 14.34 -7.81 -24.65
CA ALA C 74 13.88 -8.98 -23.93
C ALA C 74 12.43 -8.94 -23.63
N LYS C 75 11.81 -10.11 -23.62
CA LYS C 75 10.44 -10.30 -23.20
C LYS C 75 10.41 -10.51 -21.65
N LEU C 76 9.71 -9.61 -20.95
CA LEU C 76 9.56 -9.72 -19.50
C LEU C 76 8.18 -10.24 -19.20
N THR C 77 8.07 -11.39 -18.56
CA THR C 77 6.77 -11.89 -18.11
C THR C 77 6.73 -11.67 -16.59
N ILE C 78 5.74 -10.88 -16.14
CA ILE C 78 5.73 -10.32 -14.79
C ILE C 78 4.43 -10.69 -14.08
N SER C 79 4.53 -11.43 -12.97
CA SER C 79 3.36 -11.82 -12.20
C SER C 79 2.73 -10.60 -11.54
N PRO C 80 1.44 -10.69 -11.21
CA PRO C 80 0.68 -9.59 -10.65
C PRO C 80 1.32 -8.97 -9.41
N ASP C 81 1.94 -9.81 -8.56
CA ASP C 81 2.62 -9.32 -7.34
C ASP C 81 3.76 -8.36 -7.67
N TYR C 82 4.36 -8.56 -8.84
CA TYR C 82 5.45 -7.70 -9.28
C TYR C 82 4.93 -6.53 -10.12
N ALA C 83 3.62 -6.46 -10.33
CA ALA C 83 2.98 -5.44 -11.18
C ALA C 83 1.83 -4.79 -10.44
N TYR C 84 0.61 -4.84 -10.98
CA TYR C 84 -0.51 -4.03 -10.43
C TYR C 84 -1.45 -4.84 -9.51
N GLY C 85 -1.05 -6.05 -9.15
CA GLY C 85 -1.71 -6.79 -8.07
C GLY C 85 -3.19 -7.06 -8.28
N ALA C 86 -3.93 -7.11 -7.16
CA ALA C 86 -5.38 -7.34 -7.17
C ALA C 86 -6.10 -6.13 -7.74
N THR C 87 -5.54 -4.93 -7.55
CA THR C 87 -6.23 -3.71 -7.98
C THR C 87 -6.24 -3.55 -9.51
N GLY C 88 -5.10 -3.80 -10.14
CA GLY C 88 -4.95 -3.55 -11.58
C GLY C 88 -4.88 -2.07 -11.88
N HIS C 89 -5.41 -1.67 -13.04
CA HIS C 89 -5.60 -0.26 -13.38
C HIS C 89 -6.93 -0.06 -14.11
N PRO C 90 -7.81 0.84 -13.62
CA PRO C 90 -9.14 0.96 -14.18
C PRO C 90 -9.16 1.10 -15.70
N GLY C 91 -9.94 0.22 -16.33
CA GLY C 91 -10.13 0.21 -17.75
C GLY C 91 -8.97 -0.31 -18.56
N ILE C 92 -7.81 -0.57 -17.93
CA ILE C 92 -6.62 -0.97 -18.69
C ILE C 92 -6.04 -2.34 -18.28
N ILE C 93 -5.78 -2.51 -16.99
CA ILE C 93 -5.24 -3.76 -16.46
C ILE C 93 -6.25 -4.40 -15.48
N PRO C 94 -6.71 -5.63 -15.78
CA PRO C 94 -7.62 -6.26 -14.83
C PRO C 94 -6.88 -6.72 -13.55
N PRO C 95 -7.65 -7.11 -12.50
CA PRO C 95 -7.13 -7.72 -11.29
C PRO C 95 -6.29 -8.96 -11.58
N HIS C 96 -5.21 -9.13 -10.83
CA HIS C 96 -4.39 -10.34 -10.90
C HIS C 96 -3.90 -10.61 -12.32
N ALA C 97 -3.53 -9.56 -13.03
CA ALA C 97 -3.03 -9.69 -14.39
C ALA C 97 -1.54 -10.00 -14.41
N THR C 98 -1.17 -11.08 -15.09
CA THR C 98 0.21 -11.30 -15.53
C THR C 98 0.41 -10.51 -16.81
N LEU C 99 1.49 -9.73 -16.86
CA LEU C 99 1.76 -8.84 -17.97
C LEU C 99 3.02 -9.27 -18.71
N VAL C 100 3.07 -8.94 -20.00
CA VAL C 100 4.18 -9.26 -20.86
C VAL C 100 4.65 -7.93 -21.43
N PHE C 101 5.91 -7.60 -21.17
CA PHE C 101 6.53 -6.42 -21.74
C PHE C 101 7.66 -6.82 -22.65
N ASP C 102 7.64 -6.27 -23.85
CA ASP C 102 8.74 -6.42 -24.81
C ASP C 102 9.53 -5.16 -24.66
N VAL C 103 10.75 -5.26 -24.14
CA VAL C 103 11.53 -4.10 -23.68
C VAL C 103 12.89 -4.07 -24.30
N GLU C 104 13.32 -2.89 -24.74
CA GLU C 104 14.67 -2.74 -25.24
C GLU C 104 15.35 -1.65 -24.47
N LEU C 105 16.49 -1.96 -23.88
CA LEU C 105 17.30 -0.94 -23.22
C LEU C 105 18.16 -0.19 -24.26
N LEU C 106 17.78 1.05 -24.54
CA LEU C 106 18.40 1.83 -25.56
C LEU C 106 19.67 2.50 -25.07
N LYS C 107 19.65 3.00 -23.85
CA LYS C 107 20.67 3.95 -23.41
C LYS C 107 20.59 4.19 -21.91
N LEU C 108 21.73 4.51 -21.30
CA LEU C 108 21.79 4.85 -19.88
C LEU C 108 22.25 6.30 -19.74
N GLU C 109 21.53 7.09 -18.96
CA GLU C 109 21.87 8.49 -18.78
C GLU C 109 21.38 8.97 -17.41
N SER D 1 -19.82 7.46 8.18
CA SER D 1 -19.29 6.16 7.63
C SER D 1 -19.79 4.97 8.46
N MET D 2 -20.30 3.94 7.77
CA MET D 2 -20.63 2.66 8.40
C MET D 2 -19.36 1.85 8.73
N GLY D 3 -18.21 2.23 8.15
CA GLY D 3 -16.92 1.64 8.48
C GLY D 3 -16.45 1.85 9.92
N VAL D 4 -16.71 3.01 10.50
CA VAL D 4 -16.35 3.33 11.88
C VAL D 4 -17.60 3.75 12.69
N GLN D 5 -18.15 2.81 13.48
CA GLN D 5 -19.32 3.10 14.35
C GLN D 5 -18.82 3.55 15.72
N VAL D 6 -19.39 4.63 16.26
CA VAL D 6 -18.99 5.17 17.57
C VAL D 6 -20.16 5.20 18.55
N GLU D 7 -20.14 4.30 19.53
CA GLU D 7 -21.16 4.25 20.58
C GLU D 7 -20.58 4.73 21.91
N THR D 8 -21.13 5.83 22.43
CA THR D 8 -20.67 6.39 23.70
C THR D 8 -20.98 5.45 24.87
N ILE D 9 -20.02 5.29 25.76
CA ILE D 9 -20.19 4.50 26.98
C ILE D 9 -20.34 5.50 28.11
N SER D 10 -19.47 6.52 28.13
CA SER D 10 -19.54 7.58 29.12
C SER D 10 -19.22 8.90 28.45
N PRO D 11 -20.00 9.95 28.72
CA PRO D 11 -19.77 11.21 28.03
C PRO D 11 -18.50 11.94 28.46
N GLY D 12 -17.96 12.74 27.55
CA GLY D 12 -16.88 13.68 27.86
C GLY D 12 -17.43 15.07 28.13
N ASP D 13 -16.54 16.07 28.17
CA ASP D 13 -16.92 17.47 28.46
C ASP D 13 -17.70 18.11 27.32
N GLY D 14 -17.73 17.45 26.18
CA GLY D 14 -18.48 17.92 25.02
C GLY D 14 -18.00 19.21 24.36
N ARG D 15 -16.80 19.67 24.69
CA ARG D 15 -16.26 20.92 24.14
C ARG D 15 -14.77 20.92 23.77
N THR D 16 -13.95 20.15 24.48
CA THR D 16 -12.52 20.06 24.14
C THR D 16 -12.31 18.88 23.17
N PHE D 17 -12.14 19.21 21.90
CA PHE D 17 -11.99 18.23 20.81
C PHE D 17 -10.59 18.26 20.19
N PRO D 18 -10.09 17.08 19.78
CA PRO D 18 -8.79 16.98 19.15
C PRO D 18 -8.75 17.71 17.80
N LYS D 19 -7.79 18.62 17.67
CA LYS D 19 -7.55 19.32 16.41
C LYS D 19 -6.39 18.60 15.73
N ARG D 20 -6.31 18.69 14.41
CA ARG D 20 -5.14 18.19 13.70
C ARG D 20 -3.86 18.72 14.38
N GLY D 21 -2.89 17.84 14.64
CA GLY D 21 -1.61 18.25 15.22
C GLY D 21 -1.47 18.18 16.74
N GLN D 22 -2.58 17.93 17.42
CA GLN D 22 -2.57 17.72 18.88
C GLN D 22 -2.35 16.25 19.24
N THR D 23 -1.58 16.00 20.28
CA THR D 23 -1.34 14.66 20.77
C THR D 23 -2.51 14.22 21.62
N CYS D 24 -3.23 13.19 21.16
CA CYS D 24 -4.27 12.54 21.95
C CYS D 24 -3.65 11.53 22.87
N VAL D 25 -4.06 11.58 24.15
CA VAL D 25 -3.65 10.61 25.18
C VAL D 25 -4.88 9.76 25.53
N VAL D 26 -4.81 8.46 25.25
CA VAL D 26 -5.97 7.59 25.45
C VAL D 26 -5.64 6.37 26.28
N HIS D 27 -6.68 5.76 26.81
CA HIS D 27 -6.61 4.40 27.31
C HIS D 27 -7.50 3.56 26.39
N TYR D 28 -7.04 2.37 26.03
CA TYR D 28 -7.80 1.55 25.11
C TYR D 28 -7.70 0.08 25.47
N THR D 29 -8.75 -0.66 25.09
CA THR D 29 -8.71 -2.11 24.98
C THR D 29 -9.20 -2.50 23.60
N GLY D 30 -8.41 -3.32 22.91
CA GLY D 30 -8.77 -3.80 21.59
C GLY D 30 -9.13 -5.27 21.61
N MET D 31 -10.21 -5.61 20.90
CA MET D 31 -10.75 -6.96 20.81
C MET D 31 -11.16 -7.29 19.40
N LEU D 32 -11.09 -8.58 19.08
CA LEU D 32 -11.69 -9.09 17.87
C LEU D 32 -13.22 -9.08 18.02
N GLU D 33 -13.89 -9.43 16.94
CA GLU D 33 -15.35 -9.41 16.90
C GLU D 33 -15.93 -10.47 17.81
N ASP D 34 -15.17 -11.55 18.05
CA ASP D 34 -15.58 -12.62 18.95
C ASP D 34 -15.44 -12.25 20.44
N GLY D 35 -14.61 -11.25 20.73
CA GLY D 35 -14.37 -10.82 22.11
C GLY D 35 -12.95 -11.03 22.62
N LYS D 36 -12.13 -11.84 21.93
CA LYS D 36 -10.73 -12.05 22.33
C LYS D 36 -9.98 -10.72 22.28
N LYS D 37 -9.38 -10.38 23.42
CA LYS D 37 -8.60 -9.17 23.58
C LYS D 37 -7.24 -9.39 22.99
N PHE D 38 -6.70 -8.39 22.31
CA PHE D 38 -5.34 -8.47 21.72
C PHE D 38 -4.36 -7.39 22.18
N ASP D 39 -4.83 -6.35 22.86
CA ASP D 39 -3.95 -5.27 23.36
C ASP D 39 -4.78 -4.45 24.35
N SER D 40 -4.13 -3.92 25.37
CA SER D 40 -4.78 -3.01 26.31
C SER D 40 -3.73 -2.17 27.02
N SER D 41 -3.85 -0.86 26.88
CA SER D 41 -2.98 0.09 27.56
C SER D 41 -3.31 0.12 29.07
N ARG D 42 -4.53 -0.31 29.40
CA ARG D 42 -4.97 -0.36 30.80
C ARG D 42 -4.28 -1.49 31.54
N ASP D 43 -4.06 -2.61 30.85
CA ASP D 43 -3.33 -3.74 31.46
C ASP D 43 -1.85 -3.43 31.76
N ARG D 44 -1.25 -2.48 31.05
CA ARG D 44 0.12 -2.06 31.39
C ARG D 44 0.14 -0.70 32.07
N ASN D 45 -1.06 -0.21 32.39
CA ASN D 45 -1.25 1.02 33.13
C ASN D 45 -0.37 2.17 32.60
N LYS D 46 -0.34 2.31 31.28
CA LYS D 46 0.36 3.41 30.63
C LYS D 46 -0.51 3.88 29.49
N PRO D 47 -1.02 5.12 29.55
CA PRO D 47 -1.80 5.62 28.43
C PRO D 47 -1.00 5.65 27.12
N PHE D 48 -1.71 5.66 26.00
CA PHE D 48 -1.10 5.60 24.67
C PHE D 48 -1.32 6.95 24.01
N LYS D 49 -0.27 7.51 23.43
CA LYS D 49 -0.31 8.80 22.79
C LYS D 49 -0.17 8.66 21.28
N PHE D 50 -0.96 9.44 20.54
CA PHE D 50 -0.76 9.59 19.10
C PHE D 50 -1.20 10.97 18.61
N MET D 51 -0.55 11.44 17.53
CA MET D 51 -0.88 12.74 16.97
C MET D 51 -1.88 12.62 15.84
N LEU D 52 -3.02 13.29 16.00
CA LEU D 52 -4.03 13.36 14.95
C LEU D 52 -3.37 13.89 13.66
N GLY D 53 -3.56 13.17 12.56
CA GLY D 53 -3.13 13.64 11.24
C GLY D 53 -1.76 13.15 10.79
N LYS D 54 -1.01 12.51 11.68
CA LYS D 54 0.28 11.91 11.30
C LYS D 54 0.15 10.49 10.76
N GLN D 55 -1.04 9.89 10.88
CA GLN D 55 -1.28 8.54 10.32
C GLN D 55 -0.45 7.43 11.03
N GLU D 56 -0.19 7.65 12.33
CA GLU D 56 0.54 6.72 13.16
C GLU D 56 -0.31 5.52 13.48
N VAL D 57 -1.61 5.74 13.54
CA VAL D 57 -2.58 4.69 13.86
C VAL D 57 -3.58 4.46 12.72
N ILE D 58 -4.20 3.27 12.69
CA ILE D 58 -5.17 2.94 11.69
C ILE D 58 -6.21 4.06 11.49
N ARG D 59 -6.65 4.22 10.26
CA ARG D 59 -7.56 5.33 9.92
C ARG D 59 -8.83 5.36 10.78
N GLY D 60 -9.41 4.20 11.08
CA GLY D 60 -10.61 4.11 11.93
C GLY D 60 -10.41 4.74 13.30
N TRP D 61 -9.21 4.57 13.85
CA TRP D 61 -8.85 5.21 15.12
C TRP D 61 -8.89 6.72 15.05
N GLU D 62 -8.21 7.28 14.05
CA GLU D 62 -8.13 8.74 13.90
C GLU D 62 -9.50 9.30 13.60
N GLU D 63 -10.28 8.54 12.85
CA GLU D 63 -11.64 8.94 12.55
C GLU D 63 -12.58 8.81 13.75
N GLY D 64 -12.42 7.77 14.57
CA GLY D 64 -13.27 7.60 15.76
C GLY D 64 -12.92 8.62 16.84
N VAL D 65 -11.65 8.72 17.17
CA VAL D 65 -11.17 9.53 18.27
C VAL D 65 -11.34 11.05 17.98
N ALA D 66 -11.16 11.47 16.72
CA ALA D 66 -11.30 12.88 16.35
C ALA D 66 -12.65 13.42 16.76
N GLN D 67 -13.68 12.59 16.71
CA GLN D 67 -15.02 13.02 17.07
C GLN D 67 -15.39 12.76 18.55
N MET D 68 -14.37 12.71 19.42
CA MET D 68 -14.56 12.46 20.84
CA MET D 68 -14.55 12.46 20.85
C MET D 68 -14.12 13.67 21.66
N SER D 69 -14.75 13.80 22.83
CA SER D 69 -14.57 14.89 23.78
C SER D 69 -13.51 14.47 24.83
N VAL D 70 -12.68 15.39 25.33
CA VAL D 70 -11.82 15.07 26.47
C VAL D 70 -12.72 14.56 27.60
N GLY D 71 -12.42 13.37 28.13
CA GLY D 71 -13.19 12.74 29.20
C GLY D 71 -14.15 11.67 28.70
N GLN D 72 -14.37 11.62 27.38
CA GLN D 72 -15.34 10.68 26.82
C GLN D 72 -14.77 9.27 26.69
N ARG D 73 -15.66 8.29 26.77
CA ARG D 73 -15.33 6.91 26.53
C ARG D 73 -16.34 6.29 25.57
N ALA D 74 -15.83 5.57 24.57
CA ALA D 74 -16.69 5.06 23.52
C ALA D 74 -16.21 3.75 22.94
N LYS D 75 -17.18 2.92 22.56
CA LYS D 75 -16.89 1.72 21.81
C LYS D 75 -16.79 2.02 20.30
N LEU D 76 -15.62 1.76 19.72
CA LEU D 76 -15.36 1.97 18.30
C LEU D 76 -15.42 0.65 17.58
N THR D 77 -16.38 0.45 16.69
CA THR D 77 -16.41 -0.77 15.87
C THR D 77 -15.90 -0.38 14.48
N ILE D 78 -14.78 -1.00 14.07
CA ILE D 78 -14.02 -0.53 12.90
C ILE D 78 -13.90 -1.66 11.88
N SER D 79 -14.40 -1.43 10.66
CA SER D 79 -14.30 -2.41 9.58
C SER D 79 -12.85 -2.60 9.14
N PRO D 80 -12.54 -3.75 8.56
CA PRO D 80 -11.18 -4.05 8.14
C PRO D 80 -10.53 -3.00 7.24
N ASP D 81 -11.30 -2.37 6.36
CA ASP D 81 -10.78 -1.34 5.44
C ASP D 81 -10.24 -0.15 6.21
N TYR D 82 -10.81 0.09 7.37
CA TYR D 82 -10.37 1.19 8.24
C TYR D 82 -9.31 0.74 9.25
N ALA D 83 -8.92 -0.53 9.17
CA ALA D 83 -7.98 -1.14 10.12
C ALA D 83 -6.88 -1.86 9.35
N TYR D 84 -6.69 -3.15 9.62
CA TYR D 84 -5.56 -3.90 9.05
C TYR D 84 -5.91 -4.73 7.81
N GLY D 85 -7.12 -4.61 7.28
CA GLY D 85 -7.43 -5.08 5.93
C GLY D 85 -7.30 -6.58 5.71
N ALA D 86 -6.95 -6.98 4.50
CA ALA D 86 -6.75 -8.40 4.14
C ALA D 86 -5.53 -8.95 4.82
N THR D 87 -4.49 -8.13 5.03
CA THR D 87 -3.26 -8.64 5.64
C THR D 87 -3.39 -8.96 7.13
N GLY D 88 -4.08 -8.12 7.87
CA GLY D 88 -4.13 -8.28 9.34
C GLY D 88 -2.79 -8.06 10.00
N HIS D 89 -2.53 -8.79 11.09
CA HIS D 89 -1.22 -8.75 11.74
C HIS D 89 -0.85 -10.13 12.21
N PRO D 90 0.33 -10.63 11.80
CA PRO D 90 0.72 -12.00 12.11
C PRO D 90 0.54 -12.35 13.56
N GLY D 91 -0.20 -13.44 13.75
CA GLY D 91 -0.43 -14.01 15.05
C GLY D 91 -1.38 -13.25 15.94
N ILE D 92 -1.82 -12.05 15.55
CA ILE D 92 -2.64 -11.20 16.43
C ILE D 92 -4.01 -10.84 15.79
N ILE D 93 -4.00 -10.28 14.58
CA ILE D 93 -5.22 -9.89 13.87
C ILE D 93 -5.38 -10.71 12.56
N PRO D 94 -6.47 -11.46 12.43
CA PRO D 94 -6.64 -12.23 11.20
C PRO D 94 -7.05 -11.36 10.00
N PRO D 95 -7.06 -11.93 8.78
CA PRO D 95 -7.47 -11.23 7.59
C PRO D 95 -8.90 -10.76 7.69
N HIS D 96 -9.19 -9.56 7.19
CA HIS D 96 -10.57 -9.06 7.12
C HIS D 96 -11.23 -9.04 8.50
N ALA D 97 -10.47 -8.62 9.51
CA ALA D 97 -11.00 -8.54 10.86
C ALA D 97 -11.69 -7.21 11.06
N THR D 98 -12.94 -7.29 11.54
CA THR D 98 -13.58 -6.15 12.18
C THR D 98 -13.13 -6.10 13.64
N LEU D 99 -12.67 -4.93 14.07
CA LEU D 99 -12.14 -4.76 15.42
C LEU D 99 -13.01 -3.86 16.27
N VAL D 100 -12.97 -4.10 17.58
CA VAL D 100 -13.73 -3.34 18.58
C VAL D 100 -12.71 -2.77 19.54
N PHE D 101 -12.66 -1.45 19.62
CA PHE D 101 -11.84 -0.78 20.61
C PHE D 101 -12.74 -0.06 21.59
N ASP D 102 -12.44 -0.25 22.88
CA ASP D 102 -13.03 0.54 23.97
C ASP D 102 -11.98 1.61 24.32
N VAL D 103 -12.31 2.86 24.02
CA VAL D 103 -11.35 3.96 24.04
C VAL D 103 -11.86 5.10 24.92
N GLU D 104 -10.95 5.64 25.71
CA GLU D 104 -11.25 6.80 26.49
C GLU D 104 -10.26 7.88 26.15
N LEU D 105 -10.76 9.05 25.75
CA LEU D 105 -9.89 10.21 25.55
C LEU D 105 -9.60 10.90 26.87
N LEU D 106 -8.40 10.67 27.39
CA LEU D 106 -8.00 11.17 28.69
C LEU D 106 -7.61 12.65 28.67
N LYS D 107 -6.90 13.08 27.63
CA LYS D 107 -6.20 14.36 27.67
C LYS D 107 -5.67 14.71 26.29
N LEU D 108 -5.53 16.02 26.01
CA LEU D 108 -4.96 16.52 24.77
C LEU D 108 -3.71 17.32 25.08
N GLU D 109 -2.61 17.03 24.39
CA GLU D 109 -1.35 17.71 24.64
C GLU D 109 -0.49 17.76 23.39
CAA LDN E . -15.95 18.28 -9.37
CAB LDN E . -15.51 19.59 -9.46
CAC LDN E . -11.62 16.68 -10.42
CAD LDN E . -11.13 17.97 -10.53
CAE LDN E . -10.29 26.30 -8.46
CAF LDN E . -12.21 25.85 -7.12
CAG LDN E . -10.24 27.60 -7.96
CAH LDN E . -12.15 27.16 -6.64
CAI LDN E . -15.04 17.24 -9.58
CAJ LDN E . -14.20 19.85 -9.78
CAK LDN E . -12.03 23.03 -7.98
CAL LDN E . -10.62 20.76 -11.56
CAM LDN E . -10.71 23.79 -9.79
CAN LDN E . -10.70 31.90 -6.87
CAO LDN E . -12.37 31.05 -5.23
CAP LDN E . -10.75 30.47 -7.49
CAQ LDN E . -11.97 29.60 -5.33
NAR LDN E . -12.87 16.44 -10.10
NAS LDN E . -12.07 21.81 -8.52
NAT LDN E . -10.30 22.07 -11.45
NAU LDN E . -11.24 31.96 -5.50
CAV LDN E . -11.27 25.39 -8.04
CAW LDN E . -11.33 24.07 -8.58
CAX LDN E . -11.17 28.04 -7.04
CAY LDN E . -11.92 19.09 -10.30
CAZ LDN E . -11.36 20.38 -10.51
CBA LDN E . -13.72 17.50 -9.89
CBB LDN E . -13.27 18.81 -9.98
CBC LDN E . -11.47 21.52 -9.70
NBD LDN E . -11.23 29.36 -6.58
NBE LDN E . -10.75 22.52 -10.37
CAA LDN F . 19.73 -13.45 10.40
CAB LDN F . 20.86 -12.82 10.94
CAC LDN F . 17.01 -9.95 12.02
CAD LDN F . 18.10 -9.27 12.56
CAE LDN F . 26.42 -7.92 10.64
CAF LDN F . 26.16 -6.23 12.28
CAG LDN F . 27.73 -7.54 10.36
CAH LDN F . 27.48 -5.83 12.03
CAI LDN F . 18.49 -12.83 10.55
CAJ LDN F . 20.74 -11.61 11.59
CAK LDN F . 23.53 -8.55 10.91
CAL LDN F . 20.50 -8.36 14.23
CAM LDN F . 23.66 -7.47 13.02
CAN LDN F . 31.69 -5.39 12.03
CAO LDN F . 31.59 -5.62 9.51
CAP LDN F . 30.17 -5.27 11.98
CAQ LDN F . 30.43 -6.59 9.82
NAR LDN F . 17.12 -11.08 11.39
NAS LDN F . 22.27 -9.00 11.21
NAT LDN F . 21.69 -7.73 14.38
NAU LDN F . 32.34 -5.25 10.70
CAV LDN F . 25.60 -7.29 11.59
CAW LDN F . 24.26 -7.76 11.82
CAX LDN F . 28.25 -6.45 11.06
CAY LDN F . 19.38 -9.75 12.45
CAZ LDN F . 20.44 -8.98 13.03
CBA LDN F . 18.37 -11.63 11.25
CBB LDN F . 19.50 -10.99 11.77
CBC LDN F . 21.67 -8.70 12.41
NBD LDN F . 29.58 -6.05 10.89
NBE LDN F . 22.37 -7.90 13.35
#